data_3ZRQ
#
_entry.id   3ZRQ
#
_cell.length_a   160.130
_cell.length_b   55.050
_cell.length_c   101.590
_cell.angle_alpha   90.00
_cell.angle_beta   111.03
_cell.angle_gamma   90.00
#
_symmetry.space_group_name_H-M   'C 1 2 1'
#
loop_
_entity.id
_entity.type
_entity.pdbx_description
1 polymer 'SERINE-PYRUVATE AMINOTRANSFERASE (AGXT)'
2 non-polymer "4'-DEOXY-4'-AMINOPYRIDOXAL-5'-PHOSPHATE"
3 water water
#
_entity_poly.entity_id   1
_entity_poly.type   'polypeptide(L)'
_entity_poly.pdbx_seq_one_letter_code
;MDKLLLHVGPTTIKEDVLVAGLENNVGFTSKEFVEALAYSLKGLRYVMGASKNYQPLIIPGGGTSAMESVTSLLKPNDKI
LVVSNGVFGDRWEQIFKRYPVNVKVLRPSPGDYVKPGEVEEEVRKSEYKLVALTHVETSTGVREPVKDVINKIRKYVELI
VVDGVSSVGAEEVKAEEWNVDVYLTASQKALGSAAGLGLLLLSPKALSILDSQNSIAGYYLDLRNWLPVMRGAEEGKAAY
FATPPVHVILQLAEAFRLIEKEGIENRIKRHTMVASAIRAGLEALGLEIVARRPESYSNTVTGVILKVADPQKVLAGTVN
EGVEFAPGVHPAFKYFRIGHMGWVTPNDAIIAISVIERTLRKLGEPIRFGEGVKAVEEVLFSAR
;
_entity_poly.pdbx_strand_id   A,B
#
loop_
_chem_comp.id
_chem_comp.type
_chem_comp.name
_chem_comp.formula
PMP non-polymer 4'-DEOXY-4'-AMINOPYRIDOXAL-5'-PHOSPHATE 'C8 H13 N2 O5 P'
#
# COMPACT_ATOMS: atom_id res chain seq x y z
N ASP A 2 13.37 25.17 4.94
CA ASP A 2 12.07 25.56 5.57
C ASP A 2 10.86 25.15 4.72
N LYS A 3 11.13 24.67 3.51
CA LYS A 3 10.11 24.42 2.47
C LYS A 3 8.73 23.93 2.94
N LEU A 4 7.68 24.65 2.53
CA LEU A 4 6.28 24.27 2.75
C LEU A 4 5.75 23.36 1.64
N LEU A 5 5.04 22.30 2.02
CA LEU A 5 4.37 21.44 1.02
C LEU A 5 2.88 21.80 0.94
N LEU A 6 2.55 22.70 0.02
CA LEU A 6 1.15 23.08 -0.28
C LEU A 6 0.73 22.46 -1.61
N HIS A 7 0.84 21.13 -1.63
CA HIS A 7 0.57 20.25 -2.76
C HIS A 7 -0.81 19.57 -2.49
N VAL A 8 -1.17 18.64 -3.36
CA VAL A 8 -2.47 17.97 -3.29
C VAL A 8 -2.52 16.68 -2.44
N GLY A 9 -1.42 16.38 -1.75
CA GLY A 9 -1.33 15.20 -0.87
C GLY A 9 -0.27 14.18 -1.26
N PRO A 10 0.68 13.85 -0.35
CA PRO A 10 0.85 14.46 0.97
C PRO A 10 0.96 15.99 0.91
N THR A 11 0.56 16.61 2.00
CA THR A 11 0.80 18.03 2.25
C THR A 11 1.79 18.01 3.42
N THR A 12 1.98 19.12 4.12
CA THR A 12 2.88 19.13 5.28
C THR A 12 2.27 18.24 6.37
N ILE A 13 3.06 17.28 6.88
CA ILE A 13 2.58 16.38 7.92
C ILE A 13 3.06 16.84 9.32
N LYS A 14 2.17 16.92 10.30
CA LYS A 14 2.58 17.23 11.68
C LYS A 14 3.65 16.24 12.18
N GLU A 15 4.64 16.77 12.90
CA GLU A 15 5.76 15.96 13.42
CA GLU A 15 5.75 15.95 13.39
C GLU A 15 5.26 14.83 14.31
N ASP A 16 4.28 15.14 15.15
CA ASP A 16 3.71 14.14 16.05
C ASP A 16 3.17 12.94 15.28
N VAL A 17 2.60 13.22 14.11
CA VAL A 17 2.06 12.16 13.26
C VAL A 17 3.16 11.25 12.74
N LEU A 18 4.20 11.83 12.12
CA LEU A 18 5.30 11.01 11.64
C LEU A 18 6.02 10.21 12.73
N VAL A 19 6.23 10.85 13.88
CA VAL A 19 6.93 10.23 14.99
C VAL A 19 6.21 8.98 15.49
N ALA A 20 4.88 8.96 15.43
CA ALA A 20 4.11 7.78 15.82
C ALA A 20 4.51 6.53 15.04
N GLY A 21 5.17 6.70 13.89
CA GLY A 21 5.64 5.56 13.10
C GLY A 21 6.99 4.98 13.49
N LEU A 22 7.57 5.48 14.58
CA LEU A 22 8.90 5.02 15.02
C LEU A 22 8.79 3.97 16.12
N GLU A 23 8.35 2.77 15.74
CA GLU A 23 8.28 1.63 16.65
C GLU A 23 8.98 0.50 15.92
N ASN A 24 10.15 0.07 16.38
CA ASN A 24 10.95 -0.87 15.55
C ASN A 24 10.60 -2.37 15.67
N ASN A 25 9.64 -2.68 16.55
CA ASN A 25 9.30 -4.06 16.88
CA ASN A 25 9.29 -4.07 16.84
C ASN A 25 7.77 -4.32 16.86
N VAL A 26 7.07 -3.69 15.92
CA VAL A 26 5.60 -3.85 15.80
C VAL A 26 5.27 -4.53 14.46
N GLY A 27 4.37 -5.52 14.49
CA GLY A 27 3.87 -6.19 13.28
C GLY A 27 2.35 -6.29 13.32
N PHE A 28 1.75 -7.01 12.35
CA PHE A 28 0.27 -7.01 12.18
C PHE A 28 -0.53 -7.72 13.29
N THR A 29 0.14 -8.59 14.03
CA THR A 29 -0.47 -9.25 15.19
C THR A 29 -0.20 -8.50 16.50
N SER A 30 0.77 -7.60 16.49
CA SER A 30 1.17 -6.87 17.72
C SER A 30 0.01 -6.07 18.29
N LYS A 31 -0.06 -6.05 19.62
CA LYS A 31 -1.06 -5.31 20.37
C LYS A 31 -1.13 -3.83 19.98
N GLU A 32 0.03 -3.20 19.75
CA GLU A 32 0.05 -1.78 19.37
C GLU A 32 -0.60 -1.54 17.99
N PHE A 33 -0.39 -2.47 17.06
CA PHE A 33 -1.03 -2.36 15.75
C PHE A 33 -2.55 -2.54 15.81
N VAL A 34 -3.01 -3.61 16.46
CA VAL A 34 -4.44 -3.87 16.60
C VAL A 34 -5.15 -2.66 17.18
N GLU A 35 -4.57 -2.06 18.22
CA GLU A 35 -5.14 -0.89 18.87
CA GLU A 35 -5.16 -0.90 18.86
C GLU A 35 -5.21 0.32 17.93
N ALA A 36 -4.16 0.52 17.13
CA ALA A 36 -4.12 1.67 16.24
C ALA A 36 -5.15 1.49 15.11
N LEU A 37 -5.29 0.26 14.64
CA LEU A 37 -6.26 -0.09 13.61
C LEU A 37 -7.69 0.14 14.14
N ALA A 38 -8.01 -0.40 15.32
CA ALA A 38 -9.34 -0.17 15.92
C ALA A 38 -9.63 1.30 16.11
N TYR A 39 -8.67 2.04 16.66
CA TYR A 39 -8.82 3.45 16.88
C TYR A 39 -9.10 4.21 15.57
N SER A 40 -8.34 3.88 14.52
CA SER A 40 -8.51 4.54 13.21
C SER A 40 -9.85 4.24 12.54
N LEU A 41 -10.35 3.02 12.74
CA LEU A 41 -11.66 2.63 12.21
C LEU A 41 -12.76 3.46 12.86
N LYS A 42 -12.66 3.65 14.17
CA LYS A 42 -13.57 4.58 14.84
C LYS A 42 -13.39 6.02 14.38
N GLY A 43 -12.14 6.44 14.18
CA GLY A 43 -11.88 7.79 13.68
C GLY A 43 -12.57 8.05 12.35
N LEU A 44 -12.57 7.03 11.49
CA LEU A 44 -13.21 7.09 10.17
CA LEU A 44 -13.22 7.09 10.18
C LEU A 44 -14.71 7.37 10.30
N ARG A 45 -15.38 6.63 11.18
CA ARG A 45 -16.80 6.85 11.43
C ARG A 45 -17.06 8.27 11.89
N TYR A 46 -16.15 8.78 12.72
CA TYR A 46 -16.26 10.13 13.27
C TYR A 46 -16.14 11.24 12.22
N VAL A 47 -15.11 11.20 11.37
CA VAL A 47 -14.90 12.25 10.36
C VAL A 47 -15.93 12.20 9.21
N MET A 48 -16.58 11.05 9.04
CA MET A 48 -17.58 10.90 7.99
CA MET A 48 -17.59 10.89 7.99
C MET A 48 -19.02 11.01 8.47
N GLY A 49 -19.20 11.21 9.76
CA GLY A 49 -20.52 11.37 10.35
C GLY A 49 -21.37 10.12 10.21
N ALA A 50 -21.06 9.11 11.02
CA ALA A 50 -21.77 7.84 10.95
C ALA A 50 -21.71 7.06 12.26
N SER A 51 -22.81 6.38 12.56
CA SER A 51 -22.92 5.49 13.72
C SER A 51 -22.30 4.12 13.46
N LYS A 52 -22.32 3.28 14.47
CA LYS A 52 -21.71 1.94 14.44
C LYS A 52 -22.33 0.96 13.45
N ASN A 53 -23.49 1.30 12.90
CA ASN A 53 -24.10 0.49 11.85
C ASN A 53 -23.34 0.53 10.53
N TYR A 54 -22.56 1.58 10.34
CA TYR A 54 -21.73 1.74 9.16
C TYR A 54 -20.35 1.14 9.39
N GLN A 55 -19.89 0.34 8.43
CA GLN A 55 -18.65 -0.43 8.56
C GLN A 55 -17.45 0.29 7.93
N PRO A 56 -16.44 0.64 8.75
CA PRO A 56 -15.22 1.19 8.19
C PRO A 56 -14.22 0.13 7.73
N LEU A 57 -13.48 0.42 6.65
CA LEU A 57 -12.37 -0.43 6.23
C LEU A 57 -11.19 0.46 5.87
N ILE A 58 -10.00 -0.03 6.20
CA ILE A 58 -8.77 0.65 5.86
C ILE A 58 -7.95 -0.38 5.11
N ILE A 59 -7.64 -0.08 3.86
CA ILE A 59 -6.96 -1.03 2.96
C ILE A 59 -5.66 -0.42 2.42
N PRO A 60 -4.75 -1.28 1.92
CA PRO A 60 -3.53 -0.70 1.35
C PRO A 60 -3.73 0.05 0.01
N GLY A 61 -2.89 1.06 -0.19
CA GLY A 61 -2.76 1.76 -1.49
C GLY A 61 -3.14 3.22 -1.32
N GLY A 62 -4.36 3.56 -1.70
CA GLY A 62 -4.84 4.95 -1.55
C GLY A 62 -6.22 5.17 -2.13
N GLY A 63 -6.49 6.40 -2.55
CA GLY A 63 -7.81 6.71 -3.15
C GLY A 63 -8.11 5.78 -4.33
N THR A 64 -7.11 5.47 -5.17
CA THR A 64 -7.41 4.67 -6.37
C THR A 64 -7.74 3.19 -6.01
N SER A 65 -7.09 2.64 -4.98
CA SER A 65 -7.37 1.29 -4.58
C SER A 65 -8.75 1.23 -3.89
N ALA A 66 -9.06 2.25 -3.08
CA ALA A 66 -10.42 2.34 -2.47
C ALA A 66 -11.49 2.38 -3.57
N MET A 67 -11.29 3.24 -4.57
CA MET A 67 -12.22 3.33 -5.70
C MET A 67 -12.38 1.97 -6.41
N GLU A 68 -11.29 1.34 -6.81
CA GLU A 68 -11.39 0.04 -7.51
C GLU A 68 -12.11 -1.03 -6.64
N SER A 69 -11.89 -0.97 -5.32
CA SER A 69 -12.49 -1.97 -4.40
C SER A 69 -14.02 -1.92 -4.45
N VAL A 70 -14.59 -0.83 -4.98
CA VAL A 70 -16.07 -0.70 -5.11
C VAL A 70 -16.61 -1.80 -6.07
N THR A 71 -15.77 -2.29 -6.96
CA THR A 71 -16.14 -3.48 -7.77
C THR A 71 -16.60 -4.68 -6.92
N SER A 72 -16.23 -4.68 -5.63
CA SER A 72 -16.70 -5.69 -4.68
C SER A 72 -18.23 -5.71 -4.57
N LEU A 73 -18.88 -4.63 -5.03
CA LEU A 73 -20.34 -4.50 -4.89
C LEU A 73 -21.10 -4.74 -6.18
N LEU A 74 -20.36 -5.13 -7.22
CA LEU A 74 -20.88 -5.22 -8.59
C LEU A 74 -20.91 -6.63 -9.16
N LYS A 75 -21.82 -6.82 -10.13
CA LYS A 75 -21.95 -8.05 -10.92
C LYS A 75 -21.85 -7.79 -12.44
N PRO A 76 -21.57 -8.84 -13.24
CA PRO A 76 -21.39 -8.58 -14.68
C PRO A 76 -22.68 -7.93 -15.23
N ASN A 77 -22.49 -6.97 -16.14
CA ASN A 77 -23.59 -6.20 -16.77
CA ASN A 77 -23.59 -6.21 -16.79
C ASN A 77 -24.28 -5.16 -15.90
N ASP A 78 -23.77 -4.92 -14.69
CA ASP A 78 -24.38 -3.87 -13.84
C ASP A 78 -24.28 -2.52 -14.55
N LYS A 79 -25.26 -1.65 -14.31
CA LYS A 79 -25.22 -0.32 -14.97
C LYS A 79 -24.77 0.77 -14.01
N ILE A 80 -23.76 1.51 -14.42
CA ILE A 80 -23.12 2.52 -13.57
C ILE A 80 -23.25 3.91 -14.22
N LEU A 81 -23.63 4.90 -13.43
CA LEU A 81 -23.53 6.31 -13.83
C LEU A 81 -22.40 7.04 -13.06
N VAL A 82 -21.45 7.59 -13.80
CA VAL A 82 -20.37 8.42 -13.24
C VAL A 82 -20.65 9.91 -13.50
N VAL A 83 -20.69 10.70 -12.42
CA VAL A 83 -20.84 12.16 -12.54
C VAL A 83 -19.45 12.77 -12.40
N SER A 84 -18.86 13.13 -13.52
CA SER A 84 -17.46 13.52 -13.55
C SER A 84 -17.23 14.98 -13.86
N ASN A 85 -16.54 15.65 -12.94
CA ASN A 85 -16.18 17.05 -13.10
C ASN A 85 -14.76 17.26 -13.60
N GLY A 86 -14.02 16.18 -13.83
CA GLY A 86 -12.69 16.28 -14.36
C GLY A 86 -11.87 15.00 -14.19
N VAL A 87 -10.56 15.15 -14.04
CA VAL A 87 -9.59 14.03 -14.05
C VAL A 87 -9.98 12.85 -13.14
N PHE A 88 -10.38 13.14 -11.91
CA PHE A 88 -10.65 12.08 -10.93
C PHE A 88 -12.03 11.50 -11.02
N GLY A 89 -12.97 12.30 -11.53
CA GLY A 89 -14.23 11.73 -12.00
C GLY A 89 -14.02 10.77 -13.15
N ASP A 90 -13.14 11.15 -14.10
CA ASP A 90 -12.82 10.28 -15.24
C ASP A 90 -12.10 8.98 -14.80
N ARG A 91 -11.38 9.02 -13.68
CA ARG A 91 -10.73 7.80 -13.17
C ARG A 91 -11.73 6.68 -12.88
N TRP A 92 -12.94 7.00 -12.40
CA TRP A 92 -13.96 5.98 -12.22
C TRP A 92 -14.20 5.20 -13.53
N GLU A 93 -14.32 5.94 -14.64
CA GLU A 93 -14.52 5.32 -15.95
C GLU A 93 -13.32 4.48 -16.38
N GLN A 94 -12.11 5.01 -16.17
CA GLN A 94 -10.88 4.28 -16.48
C GLN A 94 -10.78 2.94 -15.70
N ILE A 95 -11.12 2.94 -14.42
CA ILE A 95 -11.18 1.71 -13.59
C ILE A 95 -12.25 0.75 -14.12
N PHE A 96 -13.49 1.25 -14.27
CA PHE A 96 -14.60 0.41 -14.73
C PHE A 96 -14.46 -0.12 -16.15
N LYS A 97 -13.63 0.52 -16.98
CA LYS A 97 -13.28 -0.05 -18.30
C LYS A 97 -12.60 -1.45 -18.21
N ARG A 98 -12.00 -1.73 -17.07
CA ARG A 98 -11.35 -3.03 -16.85
C ARG A 98 -12.30 -4.14 -16.40
N TYR A 99 -13.57 -3.82 -16.18
CA TYR A 99 -14.55 -4.73 -15.59
C TYR A 99 -15.74 -4.91 -16.52
N PRO A 100 -16.44 -6.06 -16.46
CA PRO A 100 -17.58 -6.33 -17.36
C PRO A 100 -18.83 -5.59 -16.92
N VAL A 101 -18.78 -4.26 -17.03
CA VAL A 101 -19.89 -3.42 -16.55
C VAL A 101 -20.22 -2.36 -17.60
N ASN A 102 -21.41 -1.77 -17.49
CA ASN A 102 -21.85 -0.73 -18.43
CA ASN A 102 -21.87 -0.74 -18.42
C ASN A 102 -21.77 0.64 -17.78
N VAL A 103 -20.98 1.53 -18.39
CA VAL A 103 -20.75 2.87 -17.83
C VAL A 103 -21.25 4.03 -18.72
N LYS A 104 -22.05 4.90 -18.12
CA LYS A 104 -22.41 6.18 -18.72
C LYS A 104 -21.82 7.31 -17.84
N VAL A 105 -21.26 8.33 -18.48
CA VAL A 105 -20.60 9.46 -17.76
C VAL A 105 -21.30 10.79 -18.12
N LEU A 106 -21.67 11.59 -17.11
CA LEU A 106 -22.09 12.98 -17.34
C LEU A 106 -20.92 13.91 -17.04
N ARG A 107 -20.68 14.88 -17.93
CA ARG A 107 -19.62 15.89 -17.72
C ARG A 107 -20.18 17.30 -17.94
N PRO A 108 -19.69 18.29 -17.17
CA PRO A 108 -20.10 19.68 -17.39
C PRO A 108 -19.12 20.40 -18.28
N SER A 109 -19.33 21.70 -18.54
CA SER A 109 -18.31 22.51 -19.24
CA SER A 109 -18.30 22.51 -19.23
C SER A 109 -17.04 22.57 -18.39
N PRO A 110 -15.86 22.83 -19.02
CA PRO A 110 -14.63 22.77 -18.22
C PRO A 110 -14.63 23.68 -16.99
N GLY A 111 -14.33 23.09 -15.83
CA GLY A 111 -14.21 23.86 -14.58
C GLY A 111 -15.52 24.08 -13.89
N ASP A 112 -16.60 23.59 -14.50
CA ASP A 112 -17.94 23.72 -13.93
C ASP A 112 -18.26 22.43 -13.18
N TYR A 113 -19.52 22.24 -12.79
CA TYR A 113 -19.98 21.01 -12.12
C TYR A 113 -21.34 20.57 -12.65
N VAL A 114 -21.63 19.26 -12.55
CA VAL A 114 -22.91 18.71 -13.01
C VAL A 114 -23.98 19.04 -12.00
N LYS A 115 -25.04 19.70 -12.46
CA LYS A 115 -26.07 20.16 -11.53
C LYS A 115 -26.88 18.99 -11.02
N PRO A 116 -27.37 19.07 -9.77
CA PRO A 116 -28.20 17.99 -9.24
C PRO A 116 -29.40 17.66 -10.14
N GLY A 117 -29.93 18.68 -10.82
CA GLY A 117 -31.03 18.51 -11.76
C GLY A 117 -30.71 17.60 -12.93
N GLU A 118 -29.49 17.75 -13.47
CA GLU A 118 -29.02 16.95 -14.60
CA GLU A 118 -29.03 16.94 -14.61
C GLU A 118 -28.77 15.48 -14.23
N VAL A 119 -28.34 15.24 -12.98
CA VAL A 119 -28.16 13.87 -12.48
C VAL A 119 -29.55 13.22 -12.27
N GLU A 120 -30.45 13.98 -11.66
CA GLU A 120 -31.84 13.54 -11.42
C GLU A 120 -32.50 13.10 -12.72
N GLU A 121 -32.36 13.92 -13.75
CA GLU A 121 -32.95 13.67 -15.05
C GLU A 121 -32.44 12.33 -15.61
N GLU A 122 -31.14 12.10 -15.47
CA GLU A 122 -30.52 10.89 -16.02
C GLU A 122 -30.92 9.63 -15.27
N VAL A 123 -31.03 9.70 -13.95
CA VAL A 123 -31.39 8.51 -13.19
C VAL A 123 -32.88 8.17 -13.33
N ARG A 124 -33.67 9.12 -13.86
CA ARG A 124 -35.08 8.90 -14.15
CA ARG A 124 -35.08 8.90 -14.15
C ARG A 124 -35.25 8.30 -15.53
N LYS A 125 -34.41 8.71 -16.47
CA LYS A 125 -34.42 8.17 -17.82
C LYS A 125 -34.01 6.68 -17.86
N SER A 126 -32.92 6.34 -17.17
CA SER A 126 -32.37 4.96 -17.15
C SER A 126 -32.15 4.45 -15.73
N GLU A 127 -32.22 3.12 -15.59
CA GLU A 127 -32.08 2.43 -14.31
C GLU A 127 -30.61 2.14 -14.01
N TYR A 128 -30.10 2.69 -12.91
CA TYR A 128 -28.70 2.48 -12.52
C TYR A 128 -28.52 1.71 -11.21
N LYS A 129 -27.60 0.76 -11.23
CA LYS A 129 -27.22 0.01 -10.02
C LYS A 129 -26.41 0.93 -9.10
N LEU A 130 -25.51 1.70 -9.71
CA LEU A 130 -24.55 2.51 -8.96
C LEU A 130 -24.31 3.87 -9.57
N VAL A 131 -24.32 4.89 -8.70
CA VAL A 131 -23.94 6.24 -9.11
C VAL A 131 -22.67 6.69 -8.35
N ALA A 132 -21.69 7.14 -9.10
CA ALA A 132 -20.42 7.59 -8.55
C ALA A 132 -20.32 9.10 -8.66
N LEU A 133 -20.04 9.73 -7.50
CA LEU A 133 -19.82 11.17 -7.38
C LEU A 133 -18.40 11.50 -6.90
N THR A 134 -17.89 12.69 -7.25
CA THR A 134 -16.62 13.21 -6.69
C THR A 134 -16.94 14.41 -5.79
N HIS A 135 -16.60 14.34 -4.50
CA HIS A 135 -16.94 15.44 -3.59
C HIS A 135 -16.13 16.70 -3.98
N VAL A 136 -14.81 16.56 -4.05
CA VAL A 136 -13.98 17.65 -4.54
C VAL A 136 -13.12 17.08 -5.65
N GLU A 137 -13.26 17.69 -6.84
CA GLU A 137 -12.47 17.35 -8.01
C GLU A 137 -11.14 18.09 -7.98
N THR A 138 -10.07 17.35 -7.66
CA THR A 138 -8.78 17.93 -7.34
C THR A 138 -8.15 18.65 -8.52
N SER A 139 -8.45 18.22 -9.74
CA SER A 139 -7.85 18.88 -10.91
C SER A 139 -8.31 20.33 -11.10
N THR A 140 -9.47 20.68 -10.59
CA THR A 140 -10.06 22.00 -10.87
C THR A 140 -10.44 22.76 -9.61
N GLY A 141 -10.39 22.10 -8.46
CA GLY A 141 -10.80 22.70 -7.18
C GLY A 141 -12.30 22.87 -7.03
N VAL A 142 -13.07 22.05 -7.75
CA VAL A 142 -14.53 22.18 -7.78
C VAL A 142 -15.20 21.17 -6.84
N ARG A 143 -16.02 21.69 -5.93
CA ARG A 143 -16.78 20.88 -5.01
C ARG A 143 -18.19 20.65 -5.58
N GLU A 144 -18.57 19.38 -5.72
CA GLU A 144 -19.91 18.99 -6.13
C GLU A 144 -20.84 19.10 -4.93
N PRO A 145 -22.07 19.65 -5.12
CA PRO A 145 -23.08 19.65 -4.05
C PRO A 145 -23.66 18.27 -3.90
N VAL A 146 -22.93 17.43 -3.18
CA VAL A 146 -23.26 16.01 -3.07
CA VAL A 146 -23.23 16.01 -3.03
C VAL A 146 -24.55 15.77 -2.30
N LYS A 147 -24.75 16.50 -1.20
CA LYS A 147 -26.01 16.41 -0.47
C LYS A 147 -27.22 16.66 -1.38
N ASP A 148 -27.16 17.74 -2.17
CA ASP A 148 -28.25 18.09 -3.08
C ASP A 148 -28.50 17.03 -4.15
N VAL A 149 -27.42 16.54 -4.78
CA VAL A 149 -27.51 15.43 -5.74
C VAL A 149 -28.20 14.21 -5.11
N ILE A 150 -27.72 13.78 -3.94
CA ILE A 150 -28.22 12.56 -3.31
C ILE A 150 -29.71 12.67 -2.93
N ASN A 151 -30.10 13.81 -2.37
CA ASN A 151 -31.49 14.03 -1.99
CA ASN A 151 -31.49 14.03 -1.98
C ASN A 151 -32.43 13.80 -3.17
N LYS A 152 -32.00 14.24 -4.35
CA LYS A 152 -32.75 14.04 -5.58
C LYS A 152 -32.72 12.59 -6.12
N ILE A 153 -31.56 11.94 -6.11
CA ILE A 153 -31.40 10.65 -6.80
C ILE A 153 -31.59 9.40 -5.95
N ARG A 154 -31.56 9.56 -4.62
CA ARG A 154 -31.52 8.42 -3.70
C ARG A 154 -32.57 7.33 -4.02
N LYS A 155 -33.77 7.76 -4.38
CA LYS A 155 -34.89 6.84 -4.57
CA LYS A 155 -34.88 6.83 -4.57
C LYS A 155 -34.85 6.13 -5.93
N TYR A 156 -34.03 6.64 -6.84
CA TYR A 156 -33.97 6.06 -8.18
C TYR A 156 -32.85 5.06 -8.41
N VAL A 157 -31.92 4.91 -7.45
CA VAL A 157 -30.71 4.12 -7.68
C VAL A 157 -30.42 3.17 -6.52
N GLU A 158 -29.74 2.06 -6.81
CA GLU A 158 -29.48 1.09 -5.75
C GLU A 158 -28.34 1.52 -4.81
N LEU A 159 -27.25 2.01 -5.41
CA LEU A 159 -26.01 2.30 -4.64
C LEU A 159 -25.43 3.67 -5.01
N ILE A 160 -24.98 4.42 -4.00
CA ILE A 160 -24.32 5.71 -4.25
C ILE A 160 -22.94 5.72 -3.58
N VAL A 161 -21.91 6.00 -4.38
CA VAL A 161 -20.55 6.10 -3.87
CA VAL A 161 -20.55 6.10 -3.87
C VAL A 161 -20.00 7.52 -4.09
N VAL A 162 -19.28 8.02 -3.08
CA VAL A 162 -18.66 9.34 -3.18
C VAL A 162 -17.16 9.23 -2.95
N ASP A 163 -16.40 9.71 -3.92
CA ASP A 163 -14.97 9.88 -3.77
C ASP A 163 -14.75 11.18 -2.96
N GLY A 164 -14.47 11.00 -1.66
CA GLY A 164 -14.07 12.07 -0.75
C GLY A 164 -12.56 12.17 -0.47
N VAL A 165 -11.74 11.74 -1.43
CA VAL A 165 -10.27 11.82 -1.29
C VAL A 165 -9.75 13.23 -0.94
N SER A 166 -10.25 14.27 -1.62
CA SER A 166 -9.88 15.66 -1.30
CA SER A 166 -9.88 15.66 -1.30
C SER A 166 -10.97 16.42 -0.53
N SER A 167 -11.81 15.70 0.20
CA SER A 167 -12.84 16.39 1.00
C SER A 167 -12.93 15.95 2.47
N VAL A 168 -12.79 14.65 2.73
CA VAL A 168 -12.93 14.13 4.08
C VAL A 168 -11.83 14.69 4.99
N GLY A 169 -12.28 15.29 6.10
CA GLY A 169 -11.42 15.94 7.08
C GLY A 169 -11.35 17.44 6.94
N ALA A 170 -12.04 17.97 5.93
CA ALA A 170 -11.99 19.40 5.59
C ALA A 170 -13.37 20.01 5.25
N GLU A 171 -14.23 19.22 4.60
CA GLU A 171 -15.55 19.66 4.19
C GLU A 171 -16.55 18.90 5.03
N GLU A 172 -17.76 19.44 5.15
CA GLU A 172 -18.85 18.69 5.79
C GLU A 172 -19.09 17.35 5.06
N VAL A 173 -19.12 16.27 5.82
CA VAL A 173 -19.46 14.95 5.30
C VAL A 173 -20.43 14.28 6.26
N LYS A 174 -21.58 13.88 5.75
CA LYS A 174 -22.61 13.25 6.58
C LYS A 174 -23.06 11.95 5.91
N ALA A 175 -22.22 10.92 5.99
CA ALA A 175 -22.46 9.70 5.22
C ALA A 175 -23.76 9.01 5.57
N GLU A 176 -24.06 8.91 6.87
CA GLU A 176 -25.29 8.25 7.32
C GLU A 176 -26.53 9.10 7.04
N GLU A 177 -26.54 10.33 7.53
CA GLU A 177 -27.63 11.27 7.27
C GLU A 177 -27.96 11.38 5.79
N TRP A 178 -26.95 11.50 4.93
CA TRP A 178 -27.19 11.62 3.49
C TRP A 178 -27.44 10.28 2.80
N ASN A 179 -27.35 9.18 3.54
CA ASN A 179 -27.59 7.83 3.00
C ASN A 179 -26.67 7.49 1.83
N VAL A 180 -25.36 7.56 2.07
CA VAL A 180 -24.37 7.18 1.08
C VAL A 180 -24.03 5.75 1.37
N ASP A 181 -23.77 4.96 0.32
CA ASP A 181 -23.44 3.55 0.51
C ASP A 181 -21.96 3.27 0.65
N VAL A 182 -21.14 4.00 -0.11
CA VAL A 182 -19.68 3.99 0.06
C VAL A 182 -19.18 5.42 0.05
N TYR A 183 -18.58 5.87 1.15
CA TYR A 183 -17.86 7.15 1.17
C TYR A 183 -16.40 6.77 1.37
N LEU A 184 -15.53 7.25 0.48
CA LEU A 184 -14.13 6.85 0.58
C LEU A 184 -13.18 8.06 0.61
N THR A 185 -11.95 7.81 1.07
CA THR A 185 -10.92 8.83 1.10
C THR A 185 -9.54 8.15 1.10
N ALA A 186 -8.48 8.94 1.25
CA ALA A 186 -7.13 8.43 1.35
C ALA A 186 -6.52 9.00 2.63
N SER A 187 -5.37 8.45 3.02
CA SER A 187 -4.69 8.91 4.22
C SER A 187 -3.91 10.23 4.12
N GLN A 188 -3.54 10.64 2.90
CA GLN A 188 -2.51 11.65 2.71
C GLN A 188 -3.06 13.01 2.35
N LYS A 189 -4.38 13.20 2.43
CA LYS A 189 -4.95 14.51 2.06
C LYS A 189 -5.34 15.34 3.25
N ALA A 190 -6.65 15.64 3.39
CA ALA A 190 -7.10 16.48 4.48
C ALA A 190 -7.01 15.80 5.85
N LEU A 191 -6.83 14.48 5.84
CA LEU A 191 -6.56 13.77 7.08
C LEU A 191 -5.13 14.09 7.57
N GLY A 192 -4.25 14.46 6.64
CA GLY A 192 -2.94 14.98 7.01
C GLY A 192 -1.92 13.95 7.46
N SER A 193 -2.08 12.69 7.06
CA SER A 193 -1.16 11.62 7.48
C SER A 193 -0.28 11.12 6.34
N ALA A 194 0.50 10.08 6.61
CA ALA A 194 1.37 9.51 5.58
C ALA A 194 0.55 8.73 4.56
N ALA A 195 1.01 8.74 3.30
CA ALA A 195 0.37 8.00 2.20
C ALA A 195 0.54 6.47 2.35
N GLY A 196 -0.38 5.72 1.75
CA GLY A 196 -0.26 4.27 1.66
C GLY A 196 -1.53 3.53 1.99
N LEU A 197 -2.59 4.28 2.35
CA LEU A 197 -3.90 3.70 2.70
C LEU A 197 -5.09 4.30 1.93
N GLY A 198 -6.01 3.43 1.51
CA GLY A 198 -7.39 3.82 1.16
C GLY A 198 -8.35 3.57 2.33
N LEU A 199 -9.35 4.43 2.49
CA LEU A 199 -10.31 4.34 3.61
C LEU A 199 -11.73 4.37 3.09
N LEU A 200 -12.59 3.47 3.60
CA LEU A 200 -13.95 3.33 3.07
C LEU A 200 -14.90 3.19 4.22
N LEU A 201 -16.09 3.74 4.05
CA LEU A 201 -17.17 3.55 5.02
C LEU A 201 -18.40 3.03 4.28
N LEU A 202 -18.91 1.89 4.71
CA LEU A 202 -19.98 1.22 3.98
C LEU A 202 -21.27 1.25 4.75
N SER A 203 -22.37 1.46 4.01
CA SER A 203 -23.71 1.40 4.58
C SER A 203 -24.08 -0.03 4.91
N PRO A 204 -25.12 -0.23 5.75
CA PRO A 204 -25.59 -1.60 5.97
C PRO A 204 -25.98 -2.32 4.66
N LYS A 205 -26.51 -1.59 3.69
CA LYS A 205 -26.90 -2.16 2.39
C LYS A 205 -25.70 -2.65 1.60
N ALA A 206 -24.62 -1.85 1.57
CA ALA A 206 -23.38 -2.30 0.93
C ALA A 206 -22.81 -3.49 1.68
N LEU A 207 -22.84 -3.44 3.00
CA LEU A 207 -22.32 -4.53 3.82
C LEU A 207 -23.09 -5.85 3.55
N SER A 208 -24.40 -5.73 3.35
CA SER A 208 -25.24 -6.90 3.05
CA SER A 208 -25.24 -6.90 3.05
C SER A 208 -24.83 -7.56 1.73
N ILE A 209 -24.49 -6.75 0.73
CA ILE A 209 -23.97 -7.27 -0.52
C ILE A 209 -22.68 -8.08 -0.28
N LEU A 210 -21.75 -7.53 0.50
CA LEU A 210 -20.49 -8.25 0.75
C LEU A 210 -20.73 -9.59 1.44
N ASP A 211 -21.62 -9.59 2.44
CA ASP A 211 -21.88 -10.79 3.23
C ASP A 211 -22.66 -11.88 2.49
N SER A 212 -23.44 -11.51 1.47
CA SER A 212 -24.37 -12.45 0.85
C SER A 212 -24.25 -12.70 -0.65
N GLN A 213 -23.42 -11.93 -1.37
CA GLN A 213 -23.34 -12.06 -2.83
CA GLN A 213 -23.34 -12.06 -2.83
C GLN A 213 -21.92 -12.25 -3.33
N ASN A 214 -21.79 -12.84 -4.53
CA ASN A 214 -20.53 -12.88 -5.29
C ASN A 214 -20.30 -11.51 -5.94
N SER A 215 -19.12 -11.28 -6.51
CA SER A 215 -18.86 -9.99 -7.18
C SER A 215 -17.84 -10.20 -8.28
N ILE A 216 -17.59 -9.16 -9.05
CA ILE A 216 -16.57 -9.17 -10.07
C ILE A 216 -15.16 -8.73 -9.58
N ALA A 217 -15.01 -8.53 -8.28
CA ALA A 217 -13.72 -8.06 -7.73
C ALA A 217 -12.59 -9.04 -7.99
N GLY A 218 -11.36 -8.52 -8.00
CA GLY A 218 -10.15 -9.36 -8.05
C GLY A 218 -9.90 -9.94 -6.67
N TYR A 219 -8.63 -10.15 -6.31
CA TYR A 219 -8.33 -10.78 -5.02
C TYR A 219 -7.98 -9.74 -3.94
N TYR A 220 -6.90 -9.00 -4.17
CA TYR A 220 -6.39 -8.00 -3.22
C TYR A 220 -7.41 -6.92 -2.89
N LEU A 221 -8.25 -6.58 -3.88
CA LEU A 221 -9.19 -5.44 -3.72
C LEU A 221 -10.64 -5.86 -3.49
N ASP A 222 -10.84 -7.14 -3.24
CA ASP A 222 -12.16 -7.62 -2.79
C ASP A 222 -12.31 -7.27 -1.29
N LEU A 223 -13.24 -6.39 -1.00
CA LEU A 223 -13.45 -5.94 0.37
C LEU A 223 -13.85 -7.08 1.33
N ARG A 224 -14.41 -8.17 0.78
CA ARG A 224 -14.77 -9.37 1.59
C ARG A 224 -13.53 -9.97 2.27
N ASN A 225 -12.38 -9.85 1.60
CA ASN A 225 -11.11 -10.35 2.15
C ASN A 225 -10.55 -9.53 3.31
N TRP A 226 -10.86 -8.23 3.33
CA TRP A 226 -10.40 -7.29 4.38
C TRP A 226 -11.37 -7.22 5.54
N LEU A 227 -12.65 -7.52 5.30
CA LEU A 227 -13.67 -7.46 6.38
C LEU A 227 -13.29 -8.23 7.68
N PRO A 228 -12.80 -9.47 7.57
CA PRO A 228 -12.43 -10.17 8.81
C PRO A 228 -11.35 -9.44 9.61
N VAL A 229 -10.41 -8.80 8.90
CA VAL A 229 -9.35 -8.04 9.55
C VAL A 229 -9.91 -6.85 10.34
N MET A 230 -10.83 -6.10 9.72
CA MET A 230 -11.45 -4.91 10.33
C MET A 230 -12.38 -5.24 11.51
N ARG A 231 -13.23 -6.24 11.30
CA ARG A 231 -14.13 -6.74 12.35
C ARG A 231 -13.30 -7.26 13.53
N GLY A 232 -12.30 -8.07 13.22
CA GLY A 232 -11.39 -8.57 14.24
C GLY A 232 -10.76 -7.46 15.07
N ALA A 233 -10.21 -6.45 14.40
CA ALA A 233 -9.50 -5.39 15.13
C ALA A 233 -10.40 -4.70 16.14
N GLU A 234 -11.66 -4.47 15.77
CA GLU A 234 -12.58 -3.78 16.66
C GLU A 234 -12.97 -4.62 17.86
N GLU A 235 -12.80 -5.93 17.76
CA GLU A 235 -13.08 -6.83 18.88
CA GLU A 235 -13.08 -6.83 18.88
C GLU A 235 -11.76 -7.21 19.57
N GLY A 236 -10.73 -6.41 19.32
CA GLY A 236 -9.43 -6.58 19.92
C GLY A 236 -8.67 -7.83 19.51
N LYS A 237 -9.00 -8.39 18.35
CA LYS A 237 -8.30 -9.58 17.87
CA LYS A 237 -8.31 -9.59 17.87
C LYS A 237 -7.55 -9.33 16.55
N ALA A 238 -6.41 -9.99 16.40
CA ALA A 238 -5.63 -9.88 15.18
C ALA A 238 -6.12 -10.92 14.20
N ALA A 239 -6.13 -10.57 12.91
CA ALA A 239 -6.49 -11.52 11.86
C ALA A 239 -5.65 -11.16 10.65
N TYR A 240 -5.38 -12.13 9.79
CA TYR A 240 -4.49 -11.88 8.66
C TYR A 240 -5.15 -12.16 7.33
N PHE A 241 -5.17 -11.15 6.45
CA PHE A 241 -5.47 -11.43 5.06
C PHE A 241 -4.18 -11.26 4.26
N ALA A 242 -3.68 -10.03 4.26
CA ALA A 242 -2.42 -9.70 3.55
C ALA A 242 -1.78 -8.62 4.40
N THR A 243 -0.45 -8.51 4.38
CA THR A 243 0.21 -7.57 5.31
C THR A 243 -0.19 -6.11 5.00
N PRO A 244 -0.75 -5.38 5.98
CA PRO A 244 -1.08 -3.96 5.77
C PRO A 244 0.13 -3.06 6.03
N PRO A 245 0.06 -1.76 5.67
CA PRO A 245 1.18 -0.85 5.95
C PRO A 245 1.18 -0.50 7.45
N VAL A 246 1.72 -1.41 8.25
CA VAL A 246 1.60 -1.37 9.72
C VAL A 246 1.92 0.01 10.32
N HIS A 247 3.10 0.53 9.99
CA HIS A 247 3.58 1.79 10.53
C HIS A 247 2.81 3.00 9.98
N VAL A 248 2.34 2.91 8.72
CA VAL A 248 1.49 3.99 8.18
C VAL A 248 0.18 4.06 8.99
N ILE A 249 -0.29 2.90 9.44
CA ILE A 249 -1.52 2.84 10.25
C ILE A 249 -1.30 3.42 11.66
N LEU A 250 -0.10 3.18 12.22
CA LEU A 250 0.27 3.83 13.50
C LEU A 250 0.19 5.36 13.36
N GLN A 251 0.74 5.89 12.26
CA GLN A 251 0.68 7.32 11.99
C GLN A 251 -0.77 7.79 11.82
N LEU A 252 -1.57 7.05 11.04
CA LEU A 252 -2.97 7.43 10.87
C LEU A 252 -3.71 7.56 12.23
N ALA A 253 -3.46 6.63 13.15
CA ALA A 253 -4.15 6.65 14.45
C ALA A 253 -3.81 7.93 15.23
N GLU A 254 -2.57 8.39 15.09
CA GLU A 254 -2.14 9.66 15.72
C GLU A 254 -2.79 10.85 15.04
N ALA A 255 -2.91 10.80 13.71
CA ALA A 255 -3.61 11.85 12.99
C ALA A 255 -5.05 11.93 13.50
N PHE A 256 -5.70 10.78 13.67
CA PHE A 256 -7.09 10.77 14.14
C PHE A 256 -7.19 11.26 15.58
N ARG A 257 -6.18 10.95 16.41
CA ARG A 257 -6.16 11.47 17.79
C ARG A 257 -6.18 12.99 17.76
N LEU A 258 -5.38 13.60 16.91
CA LEU A 258 -5.32 15.05 16.81
C LEU A 258 -6.59 15.67 16.22
N ILE A 259 -7.18 14.97 15.26
CA ILE A 259 -8.44 15.40 14.67
C ILE A 259 -9.56 15.44 15.72
N GLU A 260 -9.66 14.40 16.54
CA GLU A 260 -10.68 14.34 17.58
CA GLU A 260 -10.68 14.33 17.59
C GLU A 260 -10.45 15.42 18.64
N LYS A 261 -9.18 15.72 18.93
CA LYS A 261 -8.82 16.79 19.86
CA LYS A 261 -8.82 16.79 19.86
C LYS A 261 -9.29 18.16 19.36
N GLU A 262 -9.06 18.46 18.09
CA GLU A 262 -9.53 19.71 17.51
C GLU A 262 -11.06 19.73 17.39
N GLY A 263 -11.64 18.58 17.07
CA GLY A 263 -13.05 18.51 16.76
C GLY A 263 -13.30 18.73 15.28
N ILE A 264 -14.11 17.86 14.68
CA ILE A 264 -14.39 17.93 13.24
C ILE A 264 -15.03 19.24 12.79
N GLU A 265 -15.96 19.78 13.59
CA GLU A 265 -16.61 21.05 13.26
CA GLU A 265 -16.60 21.04 13.23
C GLU A 265 -15.61 22.20 13.18
N ASN A 266 -14.75 22.31 14.19
CA ASN A 266 -13.72 23.33 14.21
C ASN A 266 -12.76 23.19 13.03
N ARG A 267 -12.40 21.95 12.74
CA ARG A 267 -11.49 21.62 11.64
C ARG A 267 -12.07 22.07 10.29
N ILE A 268 -13.35 21.79 10.08
CA ILE A 268 -14.08 22.28 8.89
C ILE A 268 -14.06 23.82 8.84
N LYS A 269 -14.37 24.47 9.97
CA LYS A 269 -14.33 25.93 10.06
C LYS A 269 -12.95 26.48 9.74
N ARG A 270 -11.89 25.83 10.24
CA ARG A 270 -10.52 26.26 9.94
C ARG A 270 -10.25 26.19 8.44
N HIS A 271 -10.63 25.08 7.80
CA HIS A 271 -10.45 24.98 6.35
C HIS A 271 -11.24 26.06 5.60
N THR A 272 -12.46 26.33 6.03
CA THR A 272 -13.26 27.39 5.39
C THR A 272 -12.59 28.76 5.49
N MET A 273 -12.07 29.08 6.67
CA MET A 273 -11.40 30.35 6.93
CA MET A 273 -11.40 30.35 6.93
C MET A 273 -10.15 30.48 6.07
N VAL A 274 -9.28 29.49 6.15
CA VAL A 274 -8.03 29.50 5.42
C VAL A 274 -8.29 29.61 3.92
N ALA A 275 -9.24 28.82 3.41
CA ALA A 275 -9.49 28.86 1.97
C ALA A 275 -10.08 30.22 1.53
N SER A 276 -11.02 30.77 2.29
CA SER A 276 -11.60 32.09 1.98
CA SER A 276 -11.59 32.08 1.97
C SER A 276 -10.53 33.15 2.02
N ALA A 277 -9.67 33.08 3.03
CA ALA A 277 -8.55 34.01 3.16
C ALA A 277 -7.67 33.95 1.93
N ILE A 278 -7.29 32.73 1.51
CA ILE A 278 -6.48 32.59 0.29
C ILE A 278 -7.19 33.12 -0.95
N ARG A 279 -8.49 32.81 -1.09
CA ARG A 279 -9.24 33.28 -2.27
C ARG A 279 -9.35 34.80 -2.32
N ALA A 280 -9.52 35.41 -1.15
CA ALA A 280 -9.54 36.89 -1.05
C ALA A 280 -8.23 37.47 -1.59
N GLY A 281 -7.11 36.86 -1.17
CA GLY A 281 -5.79 37.28 -1.62
C GLY A 281 -5.64 37.19 -3.12
N LEU A 282 -6.10 36.08 -3.69
CA LEU A 282 -6.01 35.90 -5.15
C LEU A 282 -6.85 36.94 -5.89
N GLU A 283 -8.05 37.18 -5.39
CA GLU A 283 -8.95 38.11 -6.04
CA GLU A 283 -8.96 38.13 -6.03
C GLU A 283 -8.39 39.55 -5.94
N ALA A 284 -7.91 39.93 -4.76
CA ALA A 284 -7.28 41.25 -4.56
C ALA A 284 -6.13 41.46 -5.54
N LEU A 285 -5.36 40.41 -5.81
CA LEU A 285 -4.29 40.45 -6.79
C LEU A 285 -4.79 40.58 -8.23
N GLY A 286 -6.08 40.36 -8.44
CA GLY A 286 -6.67 40.35 -9.77
C GLY A 286 -6.40 39.05 -10.53
N LEU A 287 -6.28 37.94 -9.80
CA LEU A 287 -6.09 36.64 -10.42
C LEU A 287 -7.42 35.90 -10.49
N GLU A 288 -7.62 35.14 -11.57
CA GLU A 288 -8.87 34.42 -11.77
CA GLU A 288 -8.87 34.42 -11.77
C GLU A 288 -8.75 32.99 -11.24
N ILE A 289 -9.81 32.51 -10.61
CA ILE A 289 -9.86 31.14 -10.07
C ILE A 289 -10.38 30.17 -11.16
N VAL A 290 -9.82 28.95 -11.23
CA VAL A 290 -10.24 27.97 -12.24
C VAL A 290 -11.73 27.57 -12.14
N ALA A 291 -12.18 27.22 -10.94
CA ALA A 291 -13.56 26.84 -10.71
C ALA A 291 -14.48 27.95 -11.26
N ARG A 292 -15.47 27.59 -12.09
CA ARG A 292 -16.32 28.58 -12.77
C ARG A 292 -17.37 29.18 -11.87
N ARG A 293 -17.88 28.38 -10.96
CA ARG A 293 -19.02 28.75 -10.14
CA ARG A 293 -19.01 28.76 -10.13
C ARG A 293 -18.60 28.91 -8.68
N PRO A 294 -18.75 30.15 -8.13
CA PRO A 294 -18.27 30.44 -6.78
C PRO A 294 -18.82 29.54 -5.70
N GLU A 295 -20.04 29.06 -5.84
CA GLU A 295 -20.61 28.17 -4.81
C GLU A 295 -19.86 26.83 -4.77
N SER A 296 -19.11 26.53 -5.81
CA SER A 296 -18.31 25.30 -5.85
C SER A 296 -16.82 25.46 -5.48
N TYR A 297 -16.39 26.64 -5.04
CA TYR A 297 -15.00 26.83 -4.61
C TYR A 297 -14.65 25.87 -3.45
N SER A 298 -13.81 24.87 -3.69
CA SER A 298 -13.54 23.88 -2.62
C SER A 298 -12.67 24.51 -1.56
N ASN A 299 -12.76 23.99 -0.36
CA ASN A 299 -11.89 24.46 0.71
C ASN A 299 -10.57 23.68 0.89
N THR A 300 -10.20 22.86 -0.09
CA THR A 300 -8.93 22.12 -0.06
C THR A 300 -8.00 22.46 -1.19
N VAL A 301 -8.55 22.87 -2.33
CA VAL A 301 -7.77 23.12 -3.56
C VAL A 301 -8.30 24.34 -4.31
N THR A 302 -7.39 25.19 -4.79
CA THR A 302 -7.76 26.32 -5.62
C THR A 302 -6.85 26.35 -6.85
N GLY A 303 -7.47 26.36 -8.00
CA GLY A 303 -6.75 26.52 -9.27
C GLY A 303 -6.58 28.00 -9.56
N VAL A 304 -5.37 28.40 -9.94
CA VAL A 304 -5.06 29.83 -10.14
C VAL A 304 -4.68 30.02 -11.58
N ILE A 305 -5.48 30.76 -12.33
CA ILE A 305 -5.22 30.98 -13.76
C ILE A 305 -4.06 31.97 -13.95
N LEU A 306 -3.13 31.61 -14.82
CA LEU A 306 -2.05 32.50 -15.26
C LEU A 306 -2.29 32.97 -16.69
N LYS A 307 -2.35 34.29 -16.88
CA LYS A 307 -2.62 34.93 -18.18
C LYS A 307 -1.38 35.15 -19.02
N VAL A 308 -0.22 35.25 -18.36
CA VAL A 308 1.04 35.59 -19.04
C VAL A 308 2.18 34.60 -18.72
N ALA A 309 2.52 34.44 -17.44
CA ALA A 309 3.64 33.61 -17.00
C ALA A 309 3.40 32.12 -17.25
N ASP A 310 4.48 31.35 -17.28
CA ASP A 310 4.44 29.92 -17.51
C ASP A 310 4.32 29.18 -16.18
N PRO A 311 3.25 28.38 -16.00
CA PRO A 311 3.03 27.64 -14.75
C PRO A 311 4.26 26.86 -14.27
N GLN A 312 4.97 26.25 -15.22
CA GLN A 312 6.18 25.50 -14.93
C GLN A 312 7.21 26.37 -14.22
N LYS A 313 7.35 27.61 -14.68
CA LYS A 313 8.33 28.52 -14.09
C LYS A 313 7.88 29.03 -12.74
N VAL A 314 6.58 29.25 -12.60
CA VAL A 314 6.00 29.61 -11.31
C VAL A 314 6.35 28.52 -10.26
N LEU A 315 6.16 27.26 -10.65
CA LEU A 315 6.41 26.14 -9.74
C LEU A 315 7.88 26.02 -9.36
N ALA A 316 8.78 26.15 -10.34
CA ALA A 316 10.22 26.13 -10.07
C ALA A 316 10.60 27.28 -9.16
N GLY A 317 10.02 28.46 -9.41
CA GLY A 317 10.25 29.65 -8.60
C GLY A 317 9.76 29.55 -7.16
N THR A 318 8.56 29.01 -6.95
CA THR A 318 7.99 28.98 -5.61
C THR A 318 8.75 28.03 -4.70
N VAL A 319 9.24 26.93 -5.28
CA VAL A 319 10.09 25.98 -4.55
C VAL A 319 11.33 26.72 -4.04
N ASN A 320 11.96 27.51 -4.92
CA ASN A 320 13.06 28.44 -4.56
C ASN A 320 12.76 29.40 -3.40
N GLU A 321 11.51 29.83 -3.29
CA GLU A 321 11.07 30.73 -2.22
C GLU A 321 10.40 30.00 -1.05
N GLY A 322 10.51 28.68 -1.04
CA GLY A 322 10.16 27.85 0.11
C GLY A 322 8.73 27.31 0.18
N VAL A 323 8.10 27.16 -0.98
CA VAL A 323 6.75 26.55 -1.05
C VAL A 323 6.63 25.70 -2.31
N GLU A 324 6.26 24.42 -2.13
CA GLU A 324 5.94 23.55 -3.26
C GLU A 324 4.41 23.50 -3.42
N PHE A 325 3.93 24.07 -4.54
CA PHE A 325 2.51 24.02 -4.99
C PHE A 325 2.34 22.83 -5.96
N ALA A 326 1.21 22.72 -6.65
CA ALA A 326 1.00 21.63 -7.62
C ALA A 326 0.76 22.12 -9.04
N PRO A 327 1.13 21.30 -10.06
CA PRO A 327 0.88 21.72 -11.43
C PRO A 327 -0.61 21.66 -11.80
N GLY A 328 -0.98 22.44 -12.80
CA GLY A 328 -2.33 22.44 -13.32
C GLY A 328 -2.43 21.47 -14.47
N VAL A 329 -3.33 20.50 -14.37
CA VAL A 329 -3.42 19.41 -15.35
C VAL A 329 -4.83 19.24 -15.91
N HIS A 330 -5.29 20.25 -16.66
CA HIS A 330 -6.58 20.23 -17.33
C HIS A 330 -6.38 20.99 -18.63
N PRO A 331 -6.73 20.36 -19.77
CA PRO A 331 -6.41 20.91 -21.09
C PRO A 331 -7.05 22.26 -21.35
N ALA A 332 -8.14 22.55 -20.63
CA ALA A 332 -8.88 23.78 -20.90
C ALA A 332 -8.26 25.02 -20.25
N PHE A 333 -7.35 24.80 -19.29
CA PHE A 333 -6.81 25.91 -18.50
C PHE A 333 -5.29 25.96 -18.45
N LYS A 334 -4.76 27.17 -18.30
CA LYS A 334 -3.35 27.37 -18.00
C LYS A 334 -3.24 27.93 -16.58
N TYR A 335 -2.76 27.09 -15.66
CA TYR A 335 -2.85 27.35 -14.23
C TYR A 335 -1.89 26.53 -13.37
N PHE A 336 -1.87 26.85 -12.08
CA PHE A 336 -1.26 25.98 -11.07
C PHE A 336 -2.27 25.84 -9.94
N ARG A 337 -2.00 24.91 -9.02
CA ARG A 337 -2.91 24.64 -7.90
C ARG A 337 -2.30 24.89 -6.52
N ILE A 338 -3.11 25.45 -5.62
CA ILE A 338 -2.77 25.52 -4.19
C ILE A 338 -3.53 24.47 -3.42
N GLY A 339 -2.79 23.64 -2.70
CA GLY A 339 -3.36 22.70 -1.74
C GLY A 339 -3.35 23.36 -0.38
N HIS A 340 -4.54 23.53 0.20
CA HIS A 340 -4.70 24.10 1.51
C HIS A 340 -5.59 23.20 2.36
N MET A 341 -4.97 22.18 2.95
CA MET A 341 -5.70 21.13 3.62
C MET A 341 -4.89 20.43 4.70
N GLY A 342 -5.58 19.80 5.64
CA GLY A 342 -4.92 18.99 6.65
C GLY A 342 -4.62 19.82 7.90
N TRP A 343 -3.34 20.14 8.11
CA TRP A 343 -2.88 20.92 9.27
C TRP A 343 -2.70 22.40 8.94
N VAL A 344 -3.24 22.82 7.79
CA VAL A 344 -3.09 24.18 7.26
C VAL A 344 -3.60 25.25 8.26
N THR A 345 -2.85 26.35 8.39
CA THR A 345 -3.14 27.38 9.40
C THR A 345 -3.30 28.75 8.76
N PRO A 346 -3.84 29.73 9.51
CA PRO A 346 -3.87 31.10 8.97
C PRO A 346 -2.50 31.58 8.46
N ASN A 347 -1.43 31.26 9.19
CA ASN A 347 -0.08 31.59 8.74
C ASN A 347 0.33 30.98 7.41
N ASP A 348 -0.16 29.78 7.10
CA ASP A 348 0.14 29.17 5.78
C ASP A 348 -0.50 30.00 4.65
N ALA A 349 -1.64 30.60 4.94
CA ALA A 349 -2.37 31.43 3.97
C ALA A 349 -1.57 32.69 3.66
N ILE A 350 -0.96 33.28 4.70
CA ILE A 350 -0.14 34.47 4.50
CA ILE A 350 -0.14 34.47 4.50
C ILE A 350 1.07 34.12 3.63
N ILE A 351 1.76 33.04 3.99
CA ILE A 351 2.96 32.63 3.25
CA ILE A 351 2.96 32.63 3.24
C ILE A 351 2.61 32.30 1.79
N ALA A 352 1.52 31.57 1.59
CA ALA A 352 1.13 31.19 0.22
C ALA A 352 0.96 32.42 -0.68
N ILE A 353 0.15 33.38 -0.24
CA ILE A 353 -0.12 34.58 -1.04
C ILE A 353 1.10 35.49 -1.16
N SER A 354 1.90 35.56 -0.10
CA SER A 354 3.17 36.27 -0.19
C SER A 354 4.11 35.66 -1.23
N VAL A 355 4.33 34.34 -1.17
CA VAL A 355 5.19 33.66 -2.15
C VAL A 355 4.66 33.78 -3.59
N ILE A 356 3.33 33.73 -3.73
CA ILE A 356 2.70 33.95 -5.04
C ILE A 356 2.97 35.37 -5.56
N GLU A 357 2.78 36.38 -4.72
CA GLU A 357 3.06 37.78 -5.10
C GLU A 357 4.50 37.98 -5.60
N ARG A 358 5.46 37.55 -4.80
CA ARG A 358 6.89 37.71 -5.13
C ARG A 358 7.29 36.96 -6.39
N THR A 359 6.74 35.75 -6.57
CA THR A 359 7.09 34.93 -7.73
C THR A 359 6.50 35.50 -9.02
N LEU A 360 5.26 35.96 -8.95
CA LEU A 360 4.58 36.49 -10.14
C LEU A 360 5.16 37.84 -10.57
N ARG A 361 5.51 38.68 -9.60
CA ARG A 361 6.16 39.96 -9.85
C ARG A 361 7.46 39.75 -10.62
N LYS A 362 8.24 38.73 -10.25
CA LYS A 362 9.49 38.43 -10.93
CA LYS A 362 9.50 38.42 -10.92
C LYS A 362 9.28 37.90 -12.35
N LEU A 363 8.14 37.25 -12.58
CA LEU A 363 7.87 36.64 -13.90
C LEU A 363 6.99 37.49 -14.83
N GLY A 364 6.55 38.64 -14.34
CA GLY A 364 5.79 39.58 -15.15
C GLY A 364 4.34 39.22 -15.43
N GLU A 365 3.70 38.53 -14.50
CA GLU A 365 2.25 38.32 -14.54
C GLU A 365 1.58 39.57 -13.99
N PRO A 366 0.60 40.14 -14.73
CA PRO A 366 -0.08 41.34 -14.24
C PRO A 366 -0.82 41.07 -12.92
N ILE A 367 -0.35 41.70 -11.83
CA ILE A 367 -0.99 41.63 -10.51
C ILE A 367 -0.91 42.96 -9.76
N ARG A 368 -1.77 43.13 -8.76
CA ARG A 368 -1.72 44.30 -7.88
CA ARG A 368 -1.72 44.31 -7.88
C ARG A 368 -0.85 44.03 -6.66
N PHE A 369 0.46 44.25 -6.81
CA PHE A 369 1.42 43.94 -5.73
C PHE A 369 1.02 44.61 -4.42
N GLY A 370 1.20 43.91 -3.31
CA GLY A 370 0.84 44.40 -1.99
C GLY A 370 -0.57 44.03 -1.53
N GLU A 371 -1.53 44.12 -2.46
CA GLU A 371 -2.96 43.93 -2.16
C GLU A 371 -3.34 42.54 -1.65
N GLY A 372 -2.62 41.55 -2.11
CA GLY A 372 -2.85 40.15 -1.74
C GLY A 372 -2.76 39.89 -0.24
N VAL A 373 -1.58 40.10 0.34
CA VAL A 373 -1.37 39.80 1.76
C VAL A 373 -2.37 40.60 2.62
N LYS A 374 -2.59 41.85 2.22
CA LYS A 374 -3.51 42.75 2.91
C LYS A 374 -4.91 42.15 2.99
N ALA A 375 -5.44 41.71 1.84
CA ALA A 375 -6.76 41.04 1.79
C ALA A 375 -6.82 39.75 2.62
N VAL A 376 -5.73 38.99 2.65
CA VAL A 376 -5.63 37.78 3.49
C VAL A 376 -5.72 38.15 4.97
N GLU A 377 -4.90 39.12 5.40
CA GLU A 377 -4.86 39.61 6.78
C GLU A 377 -6.25 40.06 7.22
N GLU A 378 -6.94 40.72 6.30
CA GLU A 378 -8.30 41.24 6.55
CA GLU A 378 -8.28 41.23 6.56
C GLU A 378 -9.25 40.10 6.88
N VAL A 379 -9.26 39.04 6.04
CA VAL A 379 -10.15 37.92 6.29
C VAL A 379 -9.79 37.19 7.58
N LEU A 380 -8.50 36.99 7.82
CA LEU A 380 -8.03 36.35 9.04
C LEU A 380 -8.45 37.15 10.29
N PHE A 381 -8.44 38.49 10.18
CA PHE A 381 -8.86 39.33 11.30
C PHE A 381 -10.35 39.18 11.66
N SER A 382 -11.19 38.94 10.67
CA SER A 382 -12.63 38.73 10.91
C SER A 382 -12.99 37.35 11.51
N ALA A 383 -11.97 36.60 11.93
CA ALA A 383 -12.16 35.24 12.48
C ALA A 383 -12.91 35.26 13.82
N ASP B 2 12.10 -4.14 25.67
CA ASP B 2 13.26 -4.68 24.92
C ASP B 2 12.87 -5.76 23.90
N LYS B 3 11.59 -6.14 23.93
CA LYS B 3 10.98 -7.19 23.07
C LYS B 3 11.57 -7.31 21.64
N LEU B 4 11.96 -8.54 21.30
CA LEU B 4 12.40 -8.91 19.94
C LEU B 4 11.22 -9.31 19.05
N LEU B 5 11.22 -8.81 17.81
CA LEU B 5 10.27 -9.29 16.80
C LEU B 5 10.96 -10.31 15.87
N LEU B 6 10.85 -11.58 16.23
CA LEU B 6 11.31 -12.70 15.39
C LEU B 6 10.11 -13.39 14.75
N HIS B 7 9.35 -12.58 14.00
CA HIS B 7 8.13 -12.95 13.29
C HIS B 7 8.49 -13.09 11.79
N VAL B 8 7.47 -13.31 10.97
CA VAL B 8 7.66 -13.54 9.54
C VAL B 8 7.65 -12.25 8.66
N GLY B 9 7.60 -11.07 9.30
CA GLY B 9 7.61 -9.79 8.59
C GLY B 9 6.37 -8.93 8.80
N PRO B 10 6.54 -7.67 9.26
CA PRO B 10 7.81 -7.08 9.71
C PRO B 10 8.53 -7.94 10.75
N THR B 11 9.85 -7.81 10.76
CA THR B 11 10.69 -8.33 11.82
C THR B 11 11.21 -7.05 12.50
N THR B 12 12.28 -7.13 13.30
CA THR B 12 12.83 -5.92 13.92
C THR B 12 13.40 -5.02 12.82
N ILE B 13 12.98 -3.76 12.80
CA ILE B 13 13.50 -2.81 11.81
C ILE B 13 14.60 -1.92 12.42
N LYS B 14 15.75 -1.80 11.75
CA LYS B 14 16.81 -0.89 12.18
C LYS B 14 16.30 0.55 12.34
N GLU B 15 16.76 1.22 13.39
CA GLU B 15 16.37 2.60 13.69
C GLU B 15 16.67 3.54 12.54
N ASP B 16 17.84 3.36 11.91
CA ASP B 16 18.24 4.20 10.77
C ASP B 16 17.18 4.14 9.67
N VAL B 17 16.61 2.95 9.50
CA VAL B 17 15.59 2.72 8.46
C VAL B 17 14.32 3.51 8.78
N LEU B 18 13.79 3.33 9.99
CA LEU B 18 12.58 4.08 10.38
C LEU B 18 12.74 5.59 10.33
N VAL B 19 13.90 6.07 10.80
CA VAL B 19 14.18 7.48 10.86
C VAL B 19 14.17 8.14 9.49
N ALA B 20 14.58 7.40 8.45
CA ALA B 20 14.53 7.94 7.08
C ALA B 20 13.12 8.37 6.67
N GLY B 21 12.09 7.87 7.36
CA GLY B 21 10.72 8.27 7.04
C GLY B 21 10.22 9.54 7.71
N LEU B 22 11.12 10.25 8.41
CA LEU B 22 10.74 11.46 9.12
C LEU B 22 11.06 12.72 8.34
N GLU B 23 10.38 12.92 7.22
CA GLU B 23 10.57 14.12 6.40
C GLU B 23 9.17 14.66 6.17
N ASN B 24 8.83 15.78 6.78
CA ASN B 24 7.41 16.17 6.85
C ASN B 24 6.85 16.95 5.64
N ASN B 25 7.72 17.21 4.66
CA ASN B 25 7.39 18.05 3.51
CA ASN B 25 7.36 18.02 3.49
C ASN B 25 7.80 17.41 2.17
N VAL B 26 7.65 16.10 2.06
CA VAL B 26 8.00 15.34 0.86
C VAL B 26 6.72 14.71 0.29
N GLY B 27 6.55 14.83 -1.03
CA GLY B 27 5.42 14.23 -1.76
C GLY B 27 5.94 13.51 -3.00
N PHE B 28 5.03 12.99 -3.84
CA PHE B 28 5.42 12.14 -4.99
C PHE B 28 6.19 12.82 -6.13
N THR B 29 6.07 14.14 -6.22
CA THR B 29 6.83 14.92 -7.21
C THR B 29 8.13 15.47 -6.63
N SER B 30 8.25 15.45 -5.29
CA SER B 30 9.43 16.02 -4.62
C SER B 30 10.71 15.36 -5.08
N LYS B 31 11.76 16.16 -5.23
CA LYS B 31 13.08 15.67 -5.59
C LYS B 31 13.62 14.57 -4.66
N GLU B 32 13.36 14.69 -3.37
CA GLU B 32 13.77 13.67 -2.39
C GLU B 32 13.08 12.31 -2.64
N PHE B 33 11.80 12.36 -3.03
CA PHE B 33 11.09 11.12 -3.33
C PHE B 33 11.61 10.45 -4.61
N VAL B 34 11.70 11.22 -5.69
CA VAL B 34 12.20 10.71 -6.95
C VAL B 34 13.55 10.02 -6.76
N GLU B 35 14.45 10.65 -5.99
CA GLU B 35 15.76 10.09 -5.72
CA GLU B 35 15.79 10.11 -5.65
C GLU B 35 15.71 8.76 -4.93
N ALA B 36 14.80 8.69 -3.96
CA ALA B 36 14.70 7.49 -3.13
C ALA B 36 14.12 6.34 -3.97
N LEU B 37 13.15 6.66 -4.82
CA LEU B 37 12.55 5.70 -5.72
C LEU B 37 13.61 5.17 -6.72
N ALA B 38 14.36 6.06 -7.38
CA ALA B 38 15.43 5.64 -8.29
C ALA B 38 16.45 4.75 -7.61
N TYR B 39 16.91 5.18 -6.43
CA TYR B 39 17.86 4.43 -5.65
C TYR B 39 17.35 3.03 -5.30
N SER B 40 16.09 2.93 -4.86
CA SER B 40 15.48 1.64 -4.50
C SER B 40 15.32 0.69 -5.69
N LEU B 41 15.00 1.25 -6.85
CA LEU B 41 14.88 0.47 -8.08
C LEU B 41 16.22 -0.17 -8.46
N LYS B 42 17.30 0.60 -8.33
CA LYS B 42 18.62 0.03 -8.49
C LYS B 42 18.95 -0.98 -7.41
N GLY B 43 18.55 -0.71 -6.16
CA GLY B 43 18.79 -1.67 -5.07
C GLY B 43 18.16 -3.02 -5.37
N LEU B 44 16.97 -2.97 -5.97
CA LEU B 44 16.22 -4.17 -6.35
CA LEU B 44 16.22 -4.17 -6.34
C LEU B 44 16.99 -5.03 -7.35
N ARG B 45 17.54 -4.38 -8.38
CA ARG B 45 18.38 -5.09 -9.37
C ARG B 45 19.57 -5.75 -8.69
N TYR B 46 20.14 -5.04 -7.70
CA TYR B 46 21.29 -5.51 -6.95
C TYR B 46 21.01 -6.76 -6.12
N VAL B 47 19.96 -6.76 -5.31
CA VAL B 47 19.65 -7.90 -4.43
C VAL B 47 19.11 -9.12 -5.19
N MET B 48 18.62 -8.89 -6.42
CA MET B 48 18.10 -9.99 -7.22
CA MET B 48 18.05 -9.93 -7.28
C MET B 48 19.06 -10.49 -8.30
N GLY B 49 20.24 -9.88 -8.37
CA GLY B 49 21.27 -10.27 -9.34
C GLY B 49 20.80 -10.09 -10.77
N ALA B 50 20.77 -8.85 -11.22
CA ALA B 50 20.33 -8.54 -12.58
C ALA B 50 20.90 -7.23 -13.09
N SER B 51 21.17 -7.21 -14.39
CA SER B 51 21.66 -6.02 -15.09
C SER B 51 20.51 -5.10 -15.47
N LYS B 52 20.87 -3.96 -16.08
CA LYS B 52 19.93 -2.90 -16.46
C LYS B 52 18.88 -3.31 -17.51
N ASN B 53 19.05 -4.46 -18.14
CA ASN B 53 18.05 -4.99 -19.06
C ASN B 53 16.77 -5.45 -18.38
N TYR B 54 16.89 -5.77 -17.09
CA TYR B 54 15.75 -6.17 -16.27
C TYR B 54 15.13 -4.95 -15.59
N GLN B 55 13.80 -4.87 -15.66
CA GLN B 55 13.04 -3.71 -15.20
C GLN B 55 12.49 -3.89 -13.77
N PRO B 56 12.95 -3.06 -12.83
CA PRO B 56 12.36 -3.10 -11.49
C PRO B 56 11.07 -2.26 -11.36
N LEU B 57 10.13 -2.73 -10.53
CA LEU B 57 8.93 -1.95 -10.21
C LEU B 57 8.64 -2.07 -8.72
N ILE B 58 8.22 -0.96 -8.12
CA ILE B 58 7.87 -0.90 -6.72
C ILE B 58 6.45 -0.39 -6.70
N ILE B 59 5.53 -1.20 -6.16
CA ILE B 59 4.09 -0.87 -6.19
C ILE B 59 3.52 -0.89 -4.79
N PRO B 60 2.36 -0.25 -4.59
CA PRO B 60 1.75 -0.31 -3.25
C PRO B 60 1.22 -1.70 -2.85
N GLY B 61 1.30 -1.98 -1.55
CA GLY B 61 0.62 -3.13 -0.93
C GLY B 61 1.65 -4.06 -0.32
N GLY B 62 1.98 -5.12 -1.04
CA GLY B 62 3.01 -6.08 -0.54
C GLY B 62 3.16 -7.28 -1.44
N GLY B 63 3.60 -8.40 -0.86
CA GLY B 63 3.77 -9.61 -1.66
C GLY B 63 2.47 -9.99 -2.35
N THR B 64 1.30 -9.86 -1.70
CA THR B 64 0.05 -10.29 -2.40
C THR B 64 -0.31 -9.40 -3.63
N SER B 65 -0.05 -8.10 -3.52
CA SER B 65 -0.33 -7.21 -4.66
C SER B 65 0.66 -7.46 -5.77
N ALA B 66 1.92 -7.68 -5.43
CA ALA B 66 2.94 -8.03 -6.46
C ALA B 66 2.50 -9.33 -7.20
N MET B 67 2.14 -10.35 -6.43
CA MET B 67 1.64 -11.61 -7.03
C MET B 67 0.43 -11.36 -7.98
N GLU B 68 -0.62 -10.69 -7.50
CA GLU B 68 -1.79 -10.42 -8.36
C GLU B 68 -1.40 -9.61 -9.65
N SER B 69 -0.44 -8.70 -9.55
CA SER B 69 -0.03 -7.86 -10.68
C SER B 69 0.53 -8.71 -11.82
N VAL B 70 0.87 -9.97 -11.54
CA VAL B 70 1.40 -10.87 -12.60
C VAL B 70 0.28 -11.14 -13.65
N THR B 71 -0.98 -10.98 -13.26
CA THR B 71 -2.09 -11.01 -14.24
C THR B 71 -1.89 -10.01 -15.40
N SER B 72 -1.03 -9.02 -15.20
CA SER B 72 -0.66 -8.06 -16.25
C SER B 72 -0.02 -8.77 -17.46
N LEU B 73 0.44 -10.01 -17.25
CA LEU B 73 1.16 -10.75 -18.30
C LEU B 73 0.30 -11.83 -18.96
N LEU B 74 -0.96 -11.89 -18.57
CA LEU B 74 -1.88 -12.97 -18.93
C LEU B 74 -3.07 -12.56 -19.81
N LYS B 75 -3.61 -13.54 -20.54
CA LYS B 75 -4.79 -13.38 -21.41
C LYS B 75 -5.86 -14.42 -21.09
N PRO B 76 -7.14 -14.16 -21.49
CA PRO B 76 -8.19 -15.12 -21.10
C PRO B 76 -7.83 -16.52 -21.63
N ASN B 77 -8.10 -17.55 -20.81
CA ASN B 77 -7.81 -18.96 -21.14
CA ASN B 77 -7.81 -18.96 -21.13
C ASN B 77 -6.33 -19.39 -21.07
N ASP B 78 -5.45 -18.51 -20.58
CA ASP B 78 -4.04 -18.88 -20.45
C ASP B 78 -3.91 -20.06 -19.50
N LYS B 79 -2.90 -20.91 -19.71
CA LYS B 79 -2.71 -22.05 -18.81
C LYS B 79 -1.55 -21.81 -17.84
N ILE B 80 -1.84 -21.98 -16.56
CA ILE B 80 -0.87 -21.68 -15.50
C ILE B 80 -0.61 -22.96 -14.69
N LEU B 81 0.67 -23.21 -14.42
CA LEU B 81 1.08 -24.26 -13.44
C LEU B 81 1.63 -23.62 -12.18
N VAL B 82 1.00 -23.92 -11.04
CA VAL B 82 1.50 -23.48 -9.72
C VAL B 82 2.19 -24.65 -9.00
N VAL B 83 3.44 -24.46 -8.61
CA VAL B 83 4.19 -25.44 -7.82
C VAL B 83 4.12 -24.99 -6.37
N SER B 84 3.22 -25.58 -5.61
CA SER B 84 2.90 -25.12 -4.28
C SER B 84 3.36 -26.05 -3.17
N ASN B 85 4.17 -25.49 -2.27
CA ASN B 85 4.68 -26.22 -1.10
C ASN B 85 3.88 -25.96 0.17
N GLY B 86 2.86 -25.11 0.07
CA GLY B 86 2.02 -24.82 1.22
C GLY B 86 1.18 -23.56 1.04
N VAL B 87 0.91 -22.88 2.15
CA VAL B 87 -0.05 -21.76 2.22
C VAL B 87 0.13 -20.70 1.12
N PHE B 88 1.38 -20.27 0.93
CA PHE B 88 1.63 -19.16 0.01
C PHE B 88 1.78 -19.58 -1.43
N GLY B 89 2.18 -20.84 -1.64
CA GLY B 89 1.98 -21.45 -2.95
C GLY B 89 0.52 -21.53 -3.32
N ASP B 90 -0.33 -21.91 -2.37
CA ASP B 90 -1.78 -21.99 -2.60
C ASP B 90 -2.40 -20.61 -2.87
N ARG B 91 -1.80 -19.54 -2.32
CA ARG B 91 -2.31 -18.19 -2.60
C ARG B 91 -2.32 -17.86 -4.09
N TRP B 92 -1.34 -18.34 -4.85
CA TRP B 92 -1.38 -18.18 -6.31
C TRP B 92 -2.69 -18.68 -6.90
N GLU B 93 -3.11 -19.88 -6.48
CA GLU B 93 -4.39 -20.45 -6.94
C GLU B 93 -5.59 -19.61 -6.51
N GLN B 94 -5.59 -19.16 -5.26
CA GLN B 94 -6.64 -18.29 -4.72
C GLN B 94 -6.79 -16.96 -5.51
N ILE B 95 -5.66 -16.35 -5.88
CA ILE B 95 -5.65 -15.13 -6.73
C ILE B 95 -6.18 -15.46 -8.14
N PHE B 96 -5.58 -16.47 -8.78
CA PHE B 96 -5.96 -16.86 -10.15
C PHE B 96 -7.40 -17.37 -10.28
N LYS B 97 -8.01 -17.82 -9.18
CA LYS B 97 -9.46 -18.17 -9.19
C LYS B 97 -10.36 -16.98 -9.54
N ARG B 98 -9.85 -15.77 -9.33
CA ARG B 98 -10.62 -14.54 -9.64
C ARG B 98 -10.52 -14.11 -11.11
N TYR B 99 -9.71 -14.81 -11.91
CA TYR B 99 -9.36 -14.41 -13.27
C TYR B 99 -9.73 -15.51 -14.26
N PRO B 100 -9.97 -15.15 -15.55
CA PRO B 100 -10.41 -16.15 -16.55
C PRO B 100 -9.24 -16.97 -17.05
N VAL B 101 -8.66 -17.77 -16.17
CA VAL B 101 -7.47 -18.54 -16.52
C VAL B 101 -7.61 -19.97 -16.05
N ASN B 102 -6.80 -20.86 -16.60
CA ASN B 102 -6.81 -22.29 -16.24
C ASN B 102 -5.62 -22.63 -15.37
N VAL B 103 -5.89 -23.13 -14.16
CA VAL B 103 -4.85 -23.41 -13.18
C VAL B 103 -4.73 -24.89 -12.77
N LYS B 104 -3.51 -25.43 -12.92
CA LYS B 104 -3.16 -26.73 -12.36
C LYS B 104 -2.12 -26.51 -11.24
N VAL B 105 -2.29 -27.21 -10.12
CA VAL B 105 -1.36 -27.08 -8.97
C VAL B 105 -0.66 -28.42 -8.66
N LEU B 106 0.67 -28.42 -8.51
CA LEU B 106 1.40 -29.59 -7.97
C LEU B 106 1.71 -29.34 -6.51
N ARG B 107 1.46 -30.34 -5.65
CA ARG B 107 1.76 -30.25 -4.23
C ARG B 107 2.54 -31.49 -3.77
N PRO B 108 3.47 -31.33 -2.81
CA PRO B 108 4.21 -32.48 -2.28
C PRO B 108 3.56 -32.96 -0.99
N SER B 109 4.13 -33.97 -0.32
CA SER B 109 3.67 -34.36 1.02
CA SER B 109 3.66 -34.36 1.02
C SER B 109 3.88 -33.19 2.00
N PRO B 110 3.13 -33.17 3.12
CA PRO B 110 3.25 -32.01 4.00
C PRO B 110 4.68 -31.73 4.47
N GLY B 111 5.15 -30.49 4.28
CA GLY B 111 6.46 -30.09 4.78
C GLY B 111 7.59 -30.46 3.83
N ASP B 112 7.25 -31.10 2.71
CA ASP B 112 8.23 -31.49 1.71
C ASP B 112 8.25 -30.43 0.61
N TYR B 113 8.89 -30.71 -0.52
CA TYR B 113 8.91 -29.80 -1.68
C TYR B 113 8.79 -30.56 -3.00
N VAL B 114 8.27 -29.89 -4.04
CA VAL B 114 8.12 -30.52 -5.37
C VAL B 114 9.46 -30.60 -6.08
N LYS B 115 9.86 -31.81 -6.45
CA LYS B 115 11.17 -32.00 -7.07
CA LYS B 115 11.16 -32.06 -7.07
C LYS B 115 11.18 -31.45 -8.46
N PRO B 116 12.35 -30.94 -8.90
CA PRO B 116 12.48 -30.43 -10.25
C PRO B 116 12.02 -31.44 -11.33
N GLY B 117 12.23 -32.74 -11.06
CA GLY B 117 11.81 -33.80 -11.97
C GLY B 117 10.32 -33.85 -12.18
N GLU B 118 9.56 -33.66 -11.10
CA GLU B 118 8.11 -33.68 -11.16
CA GLU B 118 8.10 -33.68 -11.16
C GLU B 118 7.53 -32.46 -11.91
N VAL B 119 8.20 -31.32 -11.80
CA VAL B 119 7.78 -30.11 -12.54
C VAL B 119 8.10 -30.31 -14.04
N GLU B 120 9.30 -30.81 -14.32
CA GLU B 120 9.73 -31.14 -15.69
C GLU B 120 8.72 -32.04 -16.41
N GLU B 121 8.30 -33.10 -15.71
CA GLU B 121 7.37 -34.07 -16.23
C GLU B 121 6.05 -33.39 -16.61
N GLU B 122 5.57 -32.50 -15.74
CA GLU B 122 4.30 -31.83 -15.96
C GLU B 122 4.35 -30.80 -17.09
N VAL B 123 5.45 -30.08 -17.23
CA VAL B 123 5.56 -29.08 -18.30
C VAL B 123 5.78 -29.74 -19.67
N ARG B 124 6.13 -31.03 -19.66
CA ARG B 124 6.24 -31.81 -20.89
CA ARG B 124 6.25 -31.83 -20.88
C ARG B 124 4.90 -32.40 -21.28
N LYS B 125 4.11 -32.80 -20.30
CA LYS B 125 2.78 -33.34 -20.54
C LYS B 125 1.81 -32.28 -21.11
N SER B 126 1.78 -31.08 -20.49
CA SER B 126 0.91 -29.97 -20.94
C SER B 126 1.71 -28.69 -21.18
N GLU B 127 1.20 -27.88 -22.12
CA GLU B 127 1.81 -26.62 -22.52
C GLU B 127 1.32 -25.50 -21.59
N TYR B 128 2.27 -24.84 -20.90
CA TYR B 128 1.93 -23.77 -19.94
C TYR B 128 2.45 -22.40 -20.36
N LYS B 129 1.58 -21.40 -20.24
CA LYS B 129 1.97 -20.00 -20.47
C LYS B 129 2.86 -19.53 -19.31
N LEU B 130 2.48 -19.92 -18.10
CA LEU B 130 3.14 -19.44 -16.88
CA LEU B 130 3.16 -19.44 -16.90
C LEU B 130 3.34 -20.52 -15.82
N VAL B 131 4.53 -20.57 -15.25
CA VAL B 131 4.80 -21.42 -14.09
C VAL B 131 5.16 -20.55 -12.87
N ALA B 132 4.45 -20.78 -11.77
CA ALA B 132 4.66 -20.06 -10.52
C ALA B 132 5.37 -20.95 -9.51
N LEU B 133 6.48 -20.43 -8.98
CA LEU B 133 7.26 -21.07 -7.91
C LEU B 133 7.28 -20.21 -6.62
N THR B 134 7.44 -20.87 -5.46
CA THR B 134 7.69 -20.15 -4.20
C THR B 134 9.13 -20.44 -3.74
N HIS B 135 9.96 -19.40 -3.60
CA HIS B 135 11.37 -19.63 -3.23
C HIS B 135 11.44 -20.18 -1.81
N VAL B 136 10.82 -19.49 -0.85
CA VAL B 136 10.73 -20.00 0.49
C VAL B 136 9.27 -19.97 0.88
N GLU B 137 8.75 -21.13 1.25
CA GLU B 137 7.38 -21.29 1.69
C GLU B 137 7.32 -21.03 3.20
N THR B 138 6.78 -19.86 3.55
CA THR B 138 6.83 -19.32 4.91
C THR B 138 6.08 -20.19 5.91
N SER B 139 5.02 -20.88 5.47
CA SER B 139 4.25 -21.67 6.39
C SER B 139 5.03 -22.88 6.96
N THR B 140 6.04 -23.36 6.24
CA THR B 140 6.73 -24.59 6.62
C THR B 140 8.24 -24.42 6.75
N GLY B 141 8.76 -23.29 6.29
CA GLY B 141 10.20 -23.05 6.28
C GLY B 141 10.96 -23.79 5.20
N VAL B 142 10.24 -24.14 4.13
CA VAL B 142 10.84 -24.96 3.04
C VAL B 142 11.28 -24.14 1.84
N ARG B 143 12.56 -24.26 1.48
CA ARG B 143 13.11 -23.59 0.32
C ARG B 143 13.08 -24.53 -0.90
N GLU B 144 12.45 -24.06 -1.98
CA GLU B 144 12.42 -24.78 -3.27
C GLU B 144 13.73 -24.53 -4.00
N PRO B 145 14.32 -25.59 -4.61
CA PRO B 145 15.52 -25.41 -5.44
C PRO B 145 15.13 -24.84 -6.78
N VAL B 146 14.98 -23.51 -6.79
CA VAL B 146 14.43 -22.78 -7.92
CA VAL B 146 14.41 -22.81 -7.94
C VAL B 146 15.33 -22.87 -9.15
N LYS B 147 16.62 -22.71 -8.95
CA LYS B 147 17.61 -22.81 -10.01
C LYS B 147 17.47 -24.15 -10.74
N ASP B 148 17.40 -25.25 -9.97
CA ASP B 148 17.31 -26.59 -10.53
C ASP B 148 16.02 -26.80 -11.32
N VAL B 149 14.88 -26.37 -10.76
CA VAL B 149 13.58 -26.40 -11.45
C VAL B 149 13.66 -25.66 -12.80
N ILE B 150 14.16 -24.44 -12.77
CA ILE B 150 14.17 -23.61 -13.96
C ILE B 150 15.08 -24.16 -15.07
N ASN B 151 16.25 -24.66 -14.70
CA ASN B 151 17.16 -25.25 -15.67
CA ASN B 151 17.17 -25.25 -15.67
C ASN B 151 16.49 -26.36 -16.46
N LYS B 152 15.65 -27.14 -15.79
CA LYS B 152 14.86 -28.18 -16.44
C LYS B 152 13.68 -27.68 -17.28
N ILE B 153 12.92 -26.70 -16.79
CA ILE B 153 11.64 -26.34 -17.41
C ILE B 153 11.69 -25.15 -18.37
N ARG B 154 12.78 -24.38 -18.34
CA ARG B 154 12.86 -23.13 -19.06
C ARG B 154 12.41 -23.22 -20.52
N LYS B 155 12.79 -24.32 -21.20
CA LYS B 155 12.51 -24.44 -22.63
CA LYS B 155 12.51 -24.47 -22.64
C LYS B 155 11.08 -24.88 -22.93
N TYR B 156 10.36 -25.36 -21.92
CA TYR B 156 9.01 -25.84 -22.11
C TYR B 156 7.89 -24.85 -21.80
N VAL B 157 8.24 -23.69 -21.23
CA VAL B 157 7.21 -22.74 -20.76
C VAL B 157 7.51 -21.31 -21.19
N GLU B 158 6.46 -20.51 -21.34
CA GLU B 158 6.65 -19.14 -21.83
C GLU B 158 7.20 -18.21 -20.74
N LEU B 159 6.62 -18.30 -19.55
CA LEU B 159 6.91 -17.37 -18.45
C LEU B 159 7.12 -18.09 -17.12
N ILE B 160 8.13 -17.65 -16.36
CA ILE B 160 8.38 -18.21 -15.03
C ILE B 160 8.40 -17.10 -13.97
N VAL B 161 7.55 -17.25 -12.95
CA VAL B 161 7.52 -16.30 -11.84
CA VAL B 161 7.49 -16.30 -11.83
C VAL B 161 7.89 -16.98 -10.52
N VAL B 162 8.66 -16.26 -9.69
CA VAL B 162 9.05 -16.74 -8.38
C VAL B 162 8.63 -15.75 -7.31
N ASP B 163 7.86 -16.24 -6.35
CA ASP B 163 7.56 -15.54 -5.15
C ASP B 163 8.78 -15.66 -4.21
N GLY B 164 9.57 -14.58 -4.17
CA GLY B 164 10.71 -14.42 -3.25
C GLY B 164 10.43 -13.54 -2.02
N VAL B 165 9.16 -13.47 -1.61
CA VAL B 165 8.76 -12.69 -0.42
C VAL B 165 9.59 -13.03 0.85
N SER B 166 9.77 -14.31 1.16
CA SER B 166 10.63 -14.72 2.29
CA SER B 166 10.63 -14.69 2.30
C SER B 166 12.03 -15.21 1.88
N SER B 167 12.53 -14.77 0.74
CA SER B 167 13.86 -15.17 0.32
C SER B 167 14.81 -14.02 -0.10
N VAL B 168 14.27 -13.02 -0.82
CA VAL B 168 15.07 -11.94 -1.35
C VAL B 168 15.68 -11.12 -0.20
N GLY B 169 17.00 -10.99 -0.22
CA GLY B 169 17.78 -10.29 0.80
C GLY B 169 18.43 -11.22 1.80
N ALA B 170 18.21 -12.52 1.64
CA ALA B 170 18.67 -13.53 2.60
C ALA B 170 19.24 -14.80 1.95
N GLU B 171 18.63 -15.20 0.83
CA GLU B 171 19.03 -16.39 0.08
C GLU B 171 19.66 -15.89 -1.21
N GLU B 172 20.46 -16.74 -1.83
CA GLU B 172 20.98 -16.42 -3.15
C GLU B 172 19.81 -16.26 -4.14
N VAL B 173 19.83 -15.18 -4.90
CA VAL B 173 18.86 -14.94 -5.97
C VAL B 173 19.63 -14.47 -7.19
N LYS B 174 19.45 -15.17 -8.32
CA LYS B 174 20.12 -14.80 -9.55
C LYS B 174 19.11 -14.71 -10.69
N ALA B 175 18.30 -13.65 -10.70
CA ALA B 175 17.15 -13.58 -11.61
C ALA B 175 17.53 -13.64 -13.07
N GLU B 176 18.58 -12.91 -13.45
CA GLU B 176 19.04 -12.87 -14.84
C GLU B 176 19.74 -14.18 -15.25
N GLU B 177 20.77 -14.57 -14.50
CA GLU B 177 21.46 -15.84 -14.76
C GLU B 177 20.49 -17.02 -14.85
N TRP B 178 19.52 -17.10 -13.93
CA TRP B 178 18.55 -18.19 -13.93
C TRP B 178 17.41 -18.01 -14.94
N ASN B 179 17.38 -16.87 -15.63
CA ASN B 179 16.35 -16.60 -16.64
C ASN B 179 14.91 -16.66 -16.06
N VAL B 180 14.66 -15.85 -15.04
CA VAL B 180 13.34 -15.77 -14.43
C VAL B 180 12.66 -14.59 -15.10
N ASP B 181 11.35 -14.67 -15.32
CA ASP B 181 10.65 -13.56 -15.95
C ASP B 181 10.07 -12.54 -14.98
N VAL B 182 9.56 -13.02 -13.86
CA VAL B 182 9.17 -12.16 -12.74
C VAL B 182 9.71 -12.73 -11.44
N TYR B 183 10.59 -11.97 -10.77
CA TYR B 183 11.00 -12.31 -9.41
C TYR B 183 10.40 -11.23 -8.51
N LEU B 184 9.66 -11.62 -7.48
CA LEU B 184 9.00 -10.61 -6.65
C LEU B 184 9.30 -10.79 -5.15
N THR B 185 9.05 -9.73 -4.39
CA THR B 185 9.22 -9.77 -2.94
C THR B 185 8.37 -8.66 -2.31
N ALA B 186 8.52 -8.48 -1.00
CA ALA B 186 7.84 -7.43 -0.28
C ALA B 186 8.91 -6.62 0.47
N SER B 187 8.50 -5.47 1.00
CA SER B 187 9.42 -4.63 1.76
C SER B 187 9.76 -5.05 3.20
N GLN B 188 8.90 -5.88 3.81
CA GLN B 188 8.91 -6.04 5.25
C GLN B 188 9.56 -7.35 5.72
N LYS B 189 10.20 -8.08 4.80
CA LYS B 189 10.79 -9.37 5.21
C LYS B 189 12.30 -9.30 5.37
N ALA B 190 13.03 -10.02 4.53
CA ALA B 190 14.49 -10.07 4.64
C ALA B 190 15.14 -8.76 4.20
N LEU B 191 14.37 -7.89 3.54
CA LEU B 191 14.87 -6.56 3.26
C LEU B 191 14.88 -5.70 4.53
N GLY B 192 14.03 -6.05 5.50
CA GLY B 192 14.05 -5.43 6.81
C GLY B 192 13.53 -3.98 6.89
N SER B 193 12.63 -3.62 5.97
CA SER B 193 12.06 -2.27 5.97
C SER B 193 10.58 -2.24 6.41
N ALA B 194 9.95 -1.07 6.33
CA ALA B 194 8.53 -0.96 6.74
C ALA B 194 7.64 -1.61 5.68
N ALA B 195 6.52 -2.18 6.12
CA ALA B 195 5.52 -2.79 5.22
C ALA B 195 4.77 -1.71 4.38
N GLY B 196 4.25 -2.14 3.23
CA GLY B 196 3.43 -1.26 2.38
C GLY B 196 3.79 -1.30 0.92
N LEU B 197 4.83 -2.07 0.56
CA LEU B 197 5.28 -2.18 -0.83
C LEU B 197 5.44 -3.61 -1.35
N GLY B 198 4.98 -3.84 -2.58
CA GLY B 198 5.40 -5.01 -3.41
C GLY B 198 6.54 -4.62 -4.35
N LEU B 199 7.49 -5.53 -4.56
CA LEU B 199 8.64 -5.25 -5.45
C LEU B 199 8.77 -6.35 -6.50
N LEU B 200 9.02 -5.95 -7.75
CA LEU B 200 9.03 -6.90 -8.86
C LEU B 200 10.21 -6.59 -9.75
N LEU B 201 10.78 -7.63 -10.34
CA LEU B 201 11.84 -7.47 -11.35
C LEU B 201 11.45 -8.28 -12.58
N LEU B 202 11.38 -7.60 -13.72
CA LEU B 202 10.85 -8.22 -14.93
C LEU B 202 11.93 -8.41 -15.98
N SER B 203 11.86 -9.56 -16.65
CA SER B 203 12.78 -9.87 -17.76
C SER B 203 12.40 -9.02 -18.98
N PRO B 204 13.32 -8.92 -19.96
CA PRO B 204 12.95 -8.28 -21.21
C PRO B 204 11.71 -8.91 -21.89
N LYS B 205 11.53 -10.21 -21.75
CA LYS B 205 10.37 -10.90 -22.32
C LYS B 205 9.06 -10.49 -21.64
N ALA B 206 9.07 -10.41 -20.31
CA ALA B 206 7.91 -9.89 -19.58
C ALA B 206 7.65 -8.44 -19.97
N LEU B 207 8.71 -7.65 -20.07
CA LEU B 207 8.59 -6.25 -20.43
C LEU B 207 7.97 -6.08 -21.82
N SER B 208 8.35 -6.96 -22.75
CA SER B 208 7.82 -6.92 -24.11
CA SER B 208 7.81 -6.92 -24.12
C SER B 208 6.31 -7.17 -24.13
N ILE B 209 5.84 -8.09 -23.31
CA ILE B 209 4.42 -8.33 -23.15
C ILE B 209 3.70 -7.05 -22.67
N LEU B 210 4.25 -6.38 -21.66
CA LEU B 210 3.60 -5.15 -21.14
C LEU B 210 3.54 -4.06 -22.22
N ASP B 211 4.63 -3.89 -22.96
CA ASP B 211 4.71 -2.86 -23.97
C ASP B 211 3.86 -3.10 -25.22
N SER B 212 3.55 -4.37 -25.52
CA SER B 212 2.90 -4.70 -26.81
C SER B 212 1.55 -5.43 -26.76
N GLN B 213 1.10 -5.89 -25.58
CA GLN B 213 -0.11 -6.71 -25.51
CA GLN B 213 -0.12 -6.70 -25.53
C GLN B 213 -1.14 -6.19 -24.50
N ASN B 214 -2.40 -6.55 -24.71
CA ASN B 214 -3.48 -6.37 -23.72
C ASN B 214 -3.35 -7.42 -22.63
N SER B 215 -4.11 -7.29 -21.53
CA SER B 215 -4.05 -8.29 -20.47
C SER B 215 -5.36 -8.36 -19.75
N ILE B 216 -5.48 -9.32 -18.83
CA ILE B 216 -6.65 -9.44 -17.98
C ILE B 216 -6.56 -8.66 -16.66
N ALA B 217 -5.52 -7.84 -16.51
CA ALA B 217 -5.33 -7.10 -15.23
C ALA B 217 -6.48 -6.12 -14.97
N GLY B 218 -6.68 -5.79 -13.71
CA GLY B 218 -7.56 -4.70 -13.29
C GLY B 218 -6.88 -3.37 -13.58
N TYR B 219 -7.15 -2.38 -12.75
CA TYR B 219 -6.58 -1.03 -13.02
C TYR B 219 -5.34 -0.77 -12.14
N TYR B 220 -5.53 -0.80 -10.83
CA TYR B 220 -4.47 -0.48 -9.87
C TYR B 220 -3.29 -1.44 -9.96
N LEU B 221 -3.56 -2.70 -10.35
CA LEU B 221 -2.50 -3.71 -10.35
C LEU B 221 -2.02 -4.09 -11.76
N ASP B 222 -2.42 -3.30 -12.74
CA ASP B 222 -1.84 -3.43 -14.09
C ASP B 222 -0.47 -2.75 -14.07
N LEU B 223 0.58 -3.56 -14.23
CA LEU B 223 1.93 -3.06 -14.21
C LEU B 223 2.20 -2.00 -15.29
N ARG B 224 1.43 -2.02 -16.39
CA ARG B 224 1.56 -1.00 -17.48
C ARG B 224 1.32 0.42 -16.93
N ASN B 225 0.45 0.53 -15.94
CA ASN B 225 0.15 1.82 -15.31
C ASN B 225 1.26 2.36 -14.42
N TRP B 226 2.06 1.45 -13.83
CA TRP B 226 3.17 1.82 -12.94
C TRP B 226 4.48 2.00 -13.71
N LEU B 227 4.60 1.38 -14.89
CA LEU B 227 5.85 1.49 -15.68
C LEU B 227 6.32 2.95 -15.95
N PRO B 228 5.41 3.86 -16.34
CA PRO B 228 5.87 5.24 -16.57
C PRO B 228 6.46 5.88 -15.32
N VAL B 229 5.91 5.53 -14.15
CA VAL B 229 6.42 6.06 -12.88
C VAL B 229 7.86 5.60 -12.61
N MET B 230 8.11 4.31 -12.82
CA MET B 230 9.43 3.69 -12.59
C MET B 230 10.49 4.14 -13.59
N ARG B 231 10.12 4.14 -14.87
CA ARG B 231 10.99 4.62 -15.94
C ARG B 231 11.34 6.07 -15.71
N GLY B 232 10.33 6.88 -15.43
CA GLY B 232 10.52 8.28 -15.11
C GLY B 232 11.51 8.50 -13.98
N ALA B 233 11.30 7.79 -12.87
CA ALA B 233 12.16 8.03 -11.69
C ALA B 233 13.64 7.79 -12.01
N GLU B 234 13.92 6.76 -12.79
CA GLU B 234 15.30 6.44 -13.12
C GLU B 234 15.95 7.48 -14.04
N GLU B 235 15.13 8.26 -14.73
CA GLU B 235 15.63 9.34 -15.57
CA GLU B 235 15.65 9.34 -15.56
C GLU B 235 15.49 10.68 -14.84
N GLY B 236 15.33 10.59 -13.53
CA GLY B 236 15.22 11.76 -12.66
C GLY B 236 13.99 12.61 -12.87
N LYS B 237 12.92 12.03 -13.42
CA LYS B 237 11.68 12.78 -13.64
CA LYS B 237 11.68 12.76 -13.66
C LYS B 237 10.50 12.20 -12.83
N ALA B 238 9.64 13.09 -12.38
CA ALA B 238 8.46 12.68 -11.62
C ALA B 238 7.34 12.37 -12.60
N ALA B 239 6.55 11.36 -12.29
CA ALA B 239 5.37 11.03 -13.08
C ALA B 239 4.33 10.52 -12.08
N TYR B 240 3.06 10.67 -12.41
CA TYR B 240 1.99 10.29 -11.49
C TYR B 240 1.07 9.24 -12.12
N PHE B 241 0.92 8.10 -11.45
CA PHE B 241 -0.18 7.22 -11.80
C PHE B 241 -1.19 7.27 -10.64
N ALA B 242 -0.73 6.84 -9.47
CA ALA B 242 -1.57 6.84 -8.27
C ALA B 242 -0.56 7.08 -7.13
N THR B 243 -0.99 7.70 -6.04
CA THR B 243 -0.05 8.06 -4.98
C THR B 243 0.61 6.81 -4.35
N PRO B 244 1.95 6.72 -4.36
CA PRO B 244 2.63 5.59 -3.69
C PRO B 244 2.85 5.88 -2.21
N PRO B 245 3.25 4.88 -1.41
CA PRO B 245 3.52 5.11 0.01
C PRO B 245 4.89 5.85 0.12
N VAL B 246 4.85 7.17 -0.09
CA VAL B 246 6.05 8.01 -0.25
C VAL B 246 7.10 7.77 0.85
N HIS B 247 6.67 7.86 2.10
CA HIS B 247 7.57 7.73 3.25
C HIS B 247 8.05 6.29 3.45
N VAL B 248 7.23 5.31 3.10
CA VAL B 248 7.69 3.89 3.15
C VAL B 248 8.82 3.69 2.14
N ILE B 249 8.72 4.40 1.02
CA ILE B 249 9.75 4.32 -0.02
C ILE B 249 11.07 5.02 0.44
N LEU B 250 10.93 6.13 1.15
CA LEU B 250 12.12 6.77 1.80
C LEU B 250 12.85 5.76 2.70
N GLN B 251 12.07 5.04 3.52
CA GLN B 251 12.63 4.03 4.40
C GLN B 251 13.28 2.89 3.61
N LEU B 252 12.60 2.39 2.57
CA LEU B 252 13.18 1.34 1.74
C LEU B 252 14.56 1.74 1.16
N ALA B 253 14.70 3.00 0.70
CA ALA B 253 15.95 3.44 0.10
C ALA B 253 17.08 3.39 1.12
N GLU B 254 16.77 3.68 2.38
CA GLU B 254 17.76 3.59 3.47
C GLU B 254 18.10 2.13 3.79
N ALA B 255 17.09 1.27 3.75
CA ALA B 255 17.33 -0.16 3.91
C ALA B 255 18.30 -0.62 2.83
N PHE B 256 18.07 -0.20 1.58
CA PHE B 256 18.94 -0.62 0.48
C PHE B 256 20.34 -0.02 0.63
N ARG B 257 20.43 1.20 1.16
CA ARG B 257 21.76 1.79 1.43
C ARG B 257 22.54 0.88 2.38
N LEU B 258 21.90 0.40 3.43
CA LEU B 258 22.56 -0.46 4.41
C LEU B 258 22.91 -1.85 3.84
N ILE B 259 22.03 -2.36 3.00
CA ILE B 259 22.26 -3.64 2.33
C ILE B 259 23.49 -3.57 1.43
N GLU B 260 23.62 -2.49 0.65
CA GLU B 260 24.77 -2.31 -0.23
CA GLU B 260 24.79 -2.33 -0.24
C GLU B 260 26.07 -2.15 0.56
N LYS B 261 25.98 -1.48 1.71
CA LYS B 261 27.11 -1.33 2.62
CA LYS B 261 27.13 -1.33 2.58
C LYS B 261 27.62 -2.67 3.15
N GLU B 262 26.70 -3.52 3.59
CA GLU B 262 27.07 -4.86 4.05
C GLU B 262 27.57 -5.75 2.90
N GLY B 263 26.95 -5.58 1.72
CA GLY B 263 27.20 -6.45 0.60
C GLY B 263 26.28 -7.66 0.62
N ILE B 264 25.71 -7.97 -0.52
CA ILE B 264 24.71 -9.05 -0.61
C ILE B 264 25.26 -10.43 -0.25
N GLU B 265 26.49 -10.72 -0.67
CA GLU B 265 27.13 -12.00 -0.36
CA GLU B 265 27.12 -12.01 -0.36
C GLU B 265 27.32 -12.18 1.15
N ASN B 266 27.82 -11.15 1.82
CA ASN B 266 27.99 -11.20 3.26
C ASN B 266 26.65 -11.38 3.97
N ARG B 267 25.64 -10.65 3.48
CA ARG B 267 24.29 -10.73 4.04
C ARG B 267 23.69 -12.15 3.95
N ILE B 268 23.88 -12.78 2.79
CA ILE B 268 23.51 -14.19 2.60
C ILE B 268 24.26 -15.10 3.60
N LYS B 269 25.57 -14.89 3.72
CA LYS B 269 26.38 -15.67 4.66
CA LYS B 269 26.40 -15.64 4.67
C LYS B 269 25.90 -15.47 6.10
N ARG B 270 25.55 -14.23 6.46
CA ARG B 270 25.03 -13.96 7.82
C ARG B 270 23.74 -14.74 8.06
N HIS B 271 22.82 -14.71 7.11
CA HIS B 271 21.58 -15.48 7.26
C HIS B 271 21.84 -16.99 7.39
N THR B 272 22.76 -17.50 6.58
CA THR B 272 23.13 -18.92 6.66
C THR B 272 23.68 -19.30 8.03
N MET B 273 24.57 -18.46 8.57
CA MET B 273 25.18 -18.69 9.88
CA MET B 273 25.18 -18.73 9.86
C MET B 273 24.14 -18.70 10.98
N VAL B 274 23.34 -17.62 11.03
CA VAL B 274 22.33 -17.47 12.05
C VAL B 274 21.34 -18.64 12.00
N ALA B 275 20.88 -18.98 10.79
CA ALA B 275 19.89 -20.04 10.68
C ALA B 275 20.47 -21.41 11.09
N SER B 276 21.69 -21.71 10.66
CA SER B 276 22.35 -22.98 11.04
CA SER B 276 22.31 -22.99 11.04
C SER B 276 22.54 -23.05 12.54
N ALA B 277 22.97 -21.92 13.12
CA ALA B 277 23.15 -21.82 14.57
C ALA B 277 21.84 -22.11 15.27
N ILE B 278 20.74 -21.51 14.82
CA ILE B 278 19.44 -21.79 15.43
C ILE B 278 19.04 -23.24 15.27
N ARG B 279 19.23 -23.81 14.07
CA ARG B 279 18.84 -25.20 13.84
C ARG B 279 19.66 -26.18 14.72
N ALA B 280 20.95 -25.87 14.92
CA ALA B 280 21.80 -26.66 15.83
C ALA B 280 21.22 -26.67 17.25
N GLY B 281 20.79 -25.50 17.71
CA GLY B 281 20.18 -25.34 19.03
C GLY B 281 18.92 -26.17 19.16
N LEU B 282 18.08 -26.15 18.13
CA LEU B 282 16.85 -26.92 18.15
C LEU B 282 17.12 -28.42 18.21
N GLU B 283 18.10 -28.85 17.40
CA GLU B 283 18.45 -30.26 17.35
CA GLU B 283 18.55 -30.25 17.32
C GLU B 283 19.03 -30.73 18.69
N ALA B 284 19.95 -29.95 19.25
CA ALA B 284 20.56 -30.26 20.55
C ALA B 284 19.49 -30.41 21.63
N LEU B 285 18.45 -29.60 21.55
CA LEU B 285 17.32 -29.69 22.49
C LEU B 285 16.47 -30.94 22.27
N GLY B 286 16.68 -31.61 21.13
CA GLY B 286 15.85 -32.75 20.74
C GLY B 286 14.50 -32.34 20.18
N LEU B 287 14.42 -31.18 19.55
CA LEU B 287 13.19 -30.73 18.89
C LEU B 287 13.25 -31.04 17.39
N GLU B 288 12.13 -31.41 16.80
CA GLU B 288 12.06 -31.74 15.39
CA GLU B 288 12.12 -31.72 15.39
C GLU B 288 11.68 -30.50 14.56
N ILE B 289 12.32 -30.36 13.40
CA ILE B 289 12.04 -29.26 12.48
C ILE B 289 10.90 -29.65 11.51
N VAL B 290 10.00 -28.72 11.18
CA VAL B 290 8.87 -29.02 10.27
C VAL B 290 9.31 -29.44 8.86
N ALA B 291 10.23 -28.69 8.26
CA ALA B 291 10.73 -29.04 6.93
C ALA B 291 11.25 -30.48 6.93
N ARG B 292 10.80 -31.29 5.96
CA ARG B 292 11.12 -32.73 5.95
C ARG B 292 12.51 -33.02 5.44
N ARG B 293 12.95 -32.22 4.48
CA ARG B 293 14.20 -32.51 3.76
CA ARG B 293 14.20 -32.52 3.78
C ARG B 293 15.27 -31.48 4.08
N PRO B 294 16.39 -31.93 4.68
CA PRO B 294 17.43 -30.99 5.16
C PRO B 294 17.97 -30.05 4.11
N GLU B 295 18.05 -30.49 2.86
CA GLU B 295 18.59 -29.62 1.81
C GLU B 295 17.66 -28.41 1.57
N SER B 296 16.42 -28.50 2.05
CA SER B 296 15.46 -27.43 1.89
C SER B 296 15.25 -26.53 3.13
N TYR B 297 16.07 -26.71 4.17
CA TYR B 297 15.95 -25.87 5.38
C TYR B 297 16.16 -24.39 5.01
N SER B 298 15.10 -23.56 5.07
CA SER B 298 15.29 -22.16 4.62
C SER B 298 16.10 -21.40 5.66
N ASN B 299 16.78 -20.38 5.22
CA ASN B 299 17.52 -19.54 6.14
C ASN B 299 16.77 -18.30 6.67
N THR B 300 15.44 -18.28 6.49
CA THR B 300 14.61 -17.19 7.01
C THR B 300 13.57 -17.63 7.99
N VAL B 301 13.12 -18.88 7.89
CA VAL B 301 12.02 -19.42 8.71
C VAL B 301 12.29 -20.87 9.09
N THR B 302 12.02 -21.22 10.35
CA THR B 302 12.13 -22.59 10.81
C THR B 302 10.88 -22.95 11.60
N GLY B 303 10.21 -24.03 11.20
CA GLY B 303 9.07 -24.53 11.94
C GLY B 303 9.56 -25.48 13.03
N VAL B 304 9.03 -25.32 14.24
CA VAL B 304 9.52 -26.11 15.38
C VAL B 304 8.36 -26.94 15.90
N ILE B 305 8.48 -28.26 15.79
CA ILE B 305 7.38 -29.16 16.20
C ILE B 305 7.33 -29.27 17.72
N LEU B 306 6.13 -29.14 18.29
CA LEU B 306 5.91 -29.37 19.71
C LEU B 306 5.12 -30.66 19.93
N LYS B 307 5.68 -31.56 20.74
CA LYS B 307 5.11 -32.88 21.00
C LYS B 307 4.13 -32.89 22.17
N VAL B 308 4.26 -31.94 23.09
CA VAL B 308 3.46 -31.91 24.32
C VAL B 308 2.79 -30.55 24.58
N ALA B 309 3.58 -29.48 24.67
CA ALA B 309 3.08 -28.14 24.99
C ALA B 309 2.21 -27.55 23.87
N ASP B 310 1.39 -26.57 24.21
CA ASP B 310 0.47 -25.94 23.28
C ASP B 310 1.15 -24.73 22.63
N PRO B 311 1.27 -24.73 21.29
CA PRO B 311 1.91 -23.63 20.56
C PRO B 311 1.40 -22.25 20.98
N GLN B 312 0.09 -22.15 21.18
CA GLN B 312 -0.55 -20.91 21.61
C GLN B 312 0.06 -20.39 22.91
N LYS B 313 0.30 -21.29 23.84
CA LYS B 313 0.86 -20.92 25.14
CA LYS B 313 0.86 -20.94 25.15
C LYS B 313 2.33 -20.57 25.04
N VAL B 314 3.06 -21.29 24.18
CA VAL B 314 4.44 -20.97 23.88
C VAL B 314 4.54 -19.52 23.40
N LEU B 315 3.67 -19.14 22.47
CA LEU B 315 3.68 -17.80 21.89
C LEU B 315 3.37 -16.71 22.92
N ALA B 316 2.35 -16.95 23.74
CA ALA B 316 1.99 -16.02 24.82
C ALA B 316 3.15 -15.89 25.81
N GLY B 317 3.77 -17.02 26.12
CA GLY B 317 4.92 -17.07 27.02
C GLY B 317 6.18 -16.37 26.52
N THR B 318 6.51 -16.57 25.25
CA THR B 318 7.76 -16.01 24.70
C THR B 318 7.68 -14.49 24.62
N VAL B 319 6.50 -13.96 24.32
CA VAL B 319 6.26 -12.50 24.34
C VAL B 319 6.61 -11.97 25.73
N ASN B 320 6.09 -12.64 26.77
CA ASN B 320 6.45 -12.37 28.18
C ASN B 320 7.95 -12.37 28.49
N GLU B 321 8.70 -13.22 27.79
CA GLU B 321 10.16 -13.33 27.98
C GLU B 321 10.95 -12.53 26.94
N GLY B 322 10.25 -11.69 26.17
CA GLY B 322 10.87 -10.69 25.31
C GLY B 322 11.16 -11.07 23.87
N VAL B 323 10.44 -12.06 23.35
CA VAL B 323 10.51 -12.40 21.91
C VAL B 323 9.12 -12.75 21.36
N GLU B 324 8.71 -12.07 20.29
CA GLU B 324 7.50 -12.46 19.55
C GLU B 324 7.93 -13.31 18.34
N PHE B 325 7.54 -14.59 18.36
CA PHE B 325 7.69 -15.57 17.26
C PHE B 325 6.38 -15.60 16.45
N ALA B 326 6.20 -16.57 15.55
CA ALA B 326 4.95 -16.66 14.75
C ALA B 326 4.18 -17.98 14.96
N PRO B 327 2.84 -17.95 14.78
CA PRO B 327 2.11 -19.21 14.95
C PRO B 327 2.34 -20.17 13.78
N GLY B 328 2.12 -21.46 14.04
CA GLY B 328 2.24 -22.49 13.03
C GLY B 328 0.87 -22.72 12.41
N VAL B 329 0.78 -22.58 11.09
CA VAL B 329 -0.50 -22.61 10.39
C VAL B 329 -0.52 -23.63 9.24
N HIS B 330 -0.41 -24.91 9.58
CA HIS B 330 -0.46 -26.00 8.60
C HIS B 330 -1.15 -27.16 9.31
N PRO B 331 -2.22 -27.70 8.70
CA PRO B 331 -3.06 -28.71 9.37
C PRO B 331 -2.30 -29.98 9.71
N ALA B 332 -1.19 -30.24 9.01
CA ALA B 332 -0.46 -31.49 9.22
C ALA B 332 0.47 -31.46 10.44
N PHE B 333 0.73 -30.27 10.96
CA PHE B 333 1.72 -30.13 12.04
C PHE B 333 1.21 -29.33 13.26
N LYS B 334 1.76 -29.65 14.43
CA LYS B 334 1.56 -28.84 15.63
CA LYS B 334 1.56 -28.86 15.65
C LYS B 334 2.88 -28.19 15.99
N TYR B 335 2.97 -26.87 15.76
CA TYR B 335 4.25 -26.16 15.78
C TYR B 335 4.13 -24.66 15.94
N PHE B 336 5.29 -24.01 16.11
CA PHE B 336 5.39 -22.55 15.98
C PHE B 336 6.54 -22.27 15.04
N ARG B 337 6.67 -21.00 14.62
CA ARG B 337 7.70 -20.61 13.67
C ARG B 337 8.68 -19.57 14.22
N ILE B 338 9.96 -19.74 13.89
CA ILE B 338 10.96 -18.70 14.11
C ILE B 338 11.28 -17.96 12.82
N GLY B 339 11.11 -16.65 12.83
CA GLY B 339 11.58 -15.79 11.76
C GLY B 339 12.97 -15.29 12.11
N HIS B 340 13.93 -15.62 11.26
CA HIS B 340 15.31 -15.19 11.44
C HIS B 340 15.81 -14.56 10.15
N MET B 341 15.50 -13.28 9.97
CA MET B 341 15.73 -12.61 8.70
C MET B 341 15.88 -11.09 8.80
N GLY B 342 16.54 -10.48 7.82
CA GLY B 342 16.65 -9.01 7.78
C GLY B 342 17.93 -8.55 8.46
N TRP B 343 17.78 -7.94 9.64
CA TRP B 343 18.93 -7.40 10.40
C TRP B 343 19.40 -8.38 11.49
N VAL B 344 18.92 -9.63 11.41
CA VAL B 344 19.16 -10.66 12.43
C VAL B 344 20.67 -10.91 12.65
N THR B 345 21.08 -11.11 13.91
CA THR B 345 22.51 -11.23 14.27
C THR B 345 22.81 -12.53 15.01
N PRO B 346 24.09 -12.92 15.12
CA PRO B 346 24.41 -14.09 15.93
C PRO B 346 23.81 -14.01 17.35
N ASN B 347 23.85 -12.82 17.96
CA ASN B 347 23.22 -12.64 19.28
C ASN B 347 21.71 -12.90 19.32
N ASP B 348 21.01 -12.64 18.22
CA ASP B 348 19.57 -12.96 18.17
C ASP B 348 19.34 -14.47 18.24
N ALA B 349 20.28 -15.23 17.69
CA ALA B 349 20.20 -16.70 17.71
C ALA B 349 20.34 -17.22 19.13
N ILE B 350 21.24 -16.61 19.90
CA ILE B 350 21.42 -17.01 21.30
CA ILE B 350 21.44 -16.96 21.31
C ILE B 350 20.12 -16.72 22.08
N ILE B 351 19.59 -15.52 21.92
CA ILE B 351 18.36 -15.12 22.62
C ILE B 351 17.19 -16.04 22.23
N ALA B 352 17.05 -16.30 20.94
CA ALA B 352 15.94 -17.14 20.48
C ALA B 352 15.94 -18.51 21.18
N ILE B 353 17.07 -19.20 21.13
CA ILE B 353 17.16 -20.55 21.73
C ILE B 353 17.11 -20.50 23.26
N SER B 354 17.67 -19.47 23.86
CA SER B 354 17.52 -19.28 25.30
C SER B 354 16.05 -19.09 25.70
N VAL B 355 15.33 -18.17 25.02
CA VAL B 355 13.90 -17.94 25.31
C VAL B 355 13.07 -19.20 25.06
N ILE B 356 13.42 -19.96 24.03
CA ILE B 356 12.75 -21.23 23.75
C ILE B 356 12.97 -22.24 24.89
N GLU B 357 14.23 -22.40 25.33
CA GLU B 357 14.56 -23.29 26.46
C GLU B 357 13.74 -22.97 27.73
N ARG B 358 13.77 -21.72 28.15
CA ARG B 358 13.07 -21.28 29.37
C ARG B 358 11.57 -21.42 29.27
N THR B 359 11.00 -21.12 28.10
CA THR B 359 9.55 -21.19 27.91
C THR B 359 9.07 -22.64 27.88
N LEU B 360 9.81 -23.51 27.21
CA LEU B 360 9.41 -24.92 27.08
C LEU B 360 9.56 -25.66 28.41
N ARG B 361 10.62 -25.36 29.15
CA ARG B 361 10.85 -25.91 30.48
C ARG B 361 9.65 -25.62 31.40
N LYS B 362 9.13 -24.39 31.34
CA LYS B 362 7.99 -23.99 32.16
CA LYS B 362 7.99 -23.98 32.15
C LYS B 362 6.70 -24.68 31.74
N LEU B 363 6.59 -25.05 30.46
CA LEU B 363 5.35 -25.67 29.94
C LEU B 363 5.40 -27.20 29.86
N GLY B 364 6.54 -27.78 30.21
CA GLY B 364 6.68 -29.23 30.28
C GLY B 364 6.85 -29.96 28.95
N GLU B 365 7.45 -29.31 27.96
CA GLU B 365 7.84 -29.97 26.72
C GLU B 365 9.18 -30.68 26.97
N PRO B 366 9.26 -31.98 26.64
CA PRO B 366 10.52 -32.70 26.83
C PRO B 366 11.66 -32.12 26.00
N ILE B 367 12.65 -31.53 26.66
CA ILE B 367 13.87 -30.99 26.02
C ILE B 367 15.13 -31.24 26.87
N ARG B 368 16.30 -31.15 26.25
CA ARG B 368 17.56 -31.29 26.97
CA ARG B 368 17.56 -31.29 26.97
C ARG B 368 18.08 -29.92 27.43
N PHE B 369 17.63 -29.50 28.60
CA PHE B 369 17.94 -28.15 29.10
CA PHE B 369 17.94 -28.18 29.16
C PHE B 369 19.45 -27.90 29.13
N GLY B 370 19.84 -26.69 28.76
CA GLY B 370 21.26 -26.31 28.70
C GLY B 370 21.94 -26.55 27.35
N GLU B 371 21.63 -27.68 26.72
CA GLU B 371 22.28 -28.12 25.47
C GLU B 371 22.09 -27.18 24.27
N GLY B 372 20.92 -26.53 24.23
CA GLY B 372 20.57 -25.62 23.14
C GLY B 372 21.54 -24.47 22.96
N VAL B 373 21.65 -23.62 23.97
CA VAL B 373 22.51 -22.43 23.85
C VAL B 373 23.95 -22.83 23.54
N LYS B 374 24.39 -23.93 24.17
CA LYS B 374 25.73 -24.47 23.99
C LYS B 374 25.99 -24.79 22.51
N ALA B 375 25.09 -25.55 21.89
CA ALA B 375 25.17 -25.86 20.45
C ALA B 375 25.17 -24.62 19.55
N VAL B 376 24.38 -23.61 19.91
CA VAL B 376 24.34 -22.34 19.18
C VAL B 376 25.70 -21.63 19.25
N GLU B 377 26.21 -21.49 20.48
CA GLU B 377 27.51 -20.86 20.75
C GLU B 377 28.60 -21.53 19.94
N GLU B 378 28.51 -22.86 19.86
CA GLU B 378 29.48 -23.67 19.13
CA GLU B 378 29.45 -23.69 19.12
C GLU B 378 29.49 -23.30 17.65
N VAL B 379 28.31 -23.25 17.02
CA VAL B 379 28.24 -22.92 15.59
C VAL B 379 28.74 -21.49 15.34
N LEU B 380 28.32 -20.56 16.20
CA LEU B 380 28.75 -19.18 16.08
C LEU B 380 30.27 -19.03 16.23
N PHE B 381 30.86 -19.84 17.11
CA PHE B 381 32.31 -19.81 17.33
C PHE B 381 33.12 -20.28 16.13
N SER B 382 32.57 -21.21 15.34
CA SER B 382 33.23 -21.68 14.11
C SER B 382 33.14 -20.71 12.93
N ALA B 383 32.71 -19.48 13.19
CA ALA B 383 32.63 -18.41 12.17
C ALA B 383 33.98 -18.05 11.56
N1 PMP C . -9.70 11.03 -6.18
C2 PMP C . -9.27 12.32 -6.08
C2A PMP C . -10.31 13.39 -5.97
C3 PMP C . -7.91 12.60 -5.93
O3 PMP C . -7.52 13.88 -5.68
C4 PMP C . -6.99 11.54 -6.07
C4A PMP C . -5.51 11.78 -6.25
N4A PMP C . -5.02 12.61 -5.23
C5 PMP C . -7.47 10.23 -6.20
C6 PMP C . -8.83 9.98 -6.27
C5A PMP C . -6.55 9.01 -6.25
O4P PMP C . -5.93 8.89 -4.98
P PMP C . -4.51 8.13 -4.86
O1P PMP C . -3.45 8.90 -5.63
O2P PMP C . -4.65 6.73 -5.44
O3P PMP C . -4.22 8.09 -3.39
N1 PMP D . 4.40 -14.99 -0.17
C2 PMP D . 4.96 -15.49 0.98
C2A PMP D . 6.02 -16.55 0.81
C3 PMP D . 4.75 -14.83 2.20
O3 PMP D . 5.47 -15.11 3.35
C4 PMP D . 3.76 -13.84 2.26
C4A PMP D . 3.31 -13.24 3.56
N4A PMP D . 4.39 -13.16 4.51
C5 PMP D . 3.11 -13.44 1.09
C6 PMP D . 3.41 -14.05 -0.11
C5A PMP D . 2.03 -12.35 1.14
O4P PMP D . 2.71 -11.13 1.36
P PMP D . 1.94 -9.87 1.96
O1P PMP D . 1.35 -10.24 3.30
O2P PMP D . 0.83 -9.52 1.00
O3P PMP D . 2.98 -8.76 2.05
#